data_2W67
#
_entry.id   2W67
#
_cell.length_a   51.248
_cell.length_b   92.101
_cell.length_c   98.292
_cell.angle_alpha   103.42
_cell.angle_beta   95.11
_cell.angle_gamma   100.60
#
_symmetry.space_group_name_H-M   'P 1'
#
loop_
_entity.id
_entity.type
_entity.pdbx_description
1 polymer 'O-GLCNACASE BT_4395'
2 non-polymer N-[(3S,4R,5R,6R)-4,5,6-trihydroxyazepan-3-yl]acetamide
3 non-polymer GLYCEROL
4 non-polymer 'CALCIUM ION'
5 water water
#
_entity_poly.entity_id   1
_entity_poly.type   'polypeptide(L)'
_entity_poly.pdbx_seq_one_letter_code
;QNVSLQPPPQQLIVQNKTIDLPAVYQLNGGEEANPHAVKVLKELLSGKQSSKKGMLISIGEKGDKSVRKYSRQIPDHKEG
YYLSVNEKEIVLAGNDERGTYYALQTFAQLLKDGKLPEVEIKDYPSVRYRGVVEGFYGTPWSHQARLSQLKFYGKNKMNT
YIYGPKDDPYHSAPNWRLPYPDKEAAQLQELVAVANENEVDFVWAIHPGQDIKWNKEDRDLLLAKFEKMYQLGVRSFAVF
FDDISGEGTNPQKQAELLNYIDEKFAQVKPDINQLVMCPTEYNKSWSNPNGNYLTTLGDKLNPSIQIMWTGDRVISDITR
DGISWINERIKRPAYIWWNFPVSDYVRDHLLLGPVYGNDTTIAKEMSGFVTNPMEHAESSKIAIYSVASYAWNPAKYDTW
QTWKDAIRTILPSAAEELECFAMHNSDLGPNGHGYRREESMDIQPAAERFLKAFKEGKNYDKADFETLQYTFERMKESAD
ILLMNTENKPLIVEITPWVHQFKLTAEMGEEVLKMVEGRNESYFLRKYNHVKALQQQMFYIDQTSNQNPYQPGVKTATRV
IKPLIDRTFATVVKFFNQKFNAHLDATTDYMPHKMISNVEQIKNLPLQVKANRVLISPANEVVKWAAGNSVEIELDAIYP
GENIQINFGKDAPCTWGRLEISTDGKEWKTVDLKQKESRLSAGLQKAPVKFVRFTNVSDEEQQVYLRQFVLTIEKK
;
_entity_poly.pdbx_strand_id   A,B
#
# COMPACT_ATOMS: atom_id res chain seq x y z
N LEU A 5 -19.54 -28.21 -20.35
CA LEU A 5 -20.86 -27.90 -19.85
C LEU A 5 -21.03 -27.87 -18.34
N GLN A 6 -21.27 -26.69 -17.81
CA GLN A 6 -21.60 -26.55 -16.42
C GLN A 6 -22.96 -25.89 -16.26
N PRO A 7 -23.85 -26.46 -15.48
CA PRO A 7 -23.66 -27.78 -14.94
C PRO A 7 -23.76 -28.84 -16.02
N PRO A 8 -23.26 -30.02 -15.74
CA PRO A 8 -23.34 -31.12 -16.69
C PRO A 8 -24.74 -31.67 -16.78
N PRO A 9 -25.18 -31.87 -18.00
CA PRO A 9 -26.51 -32.37 -18.28
C PRO A 9 -26.71 -33.79 -17.85
N GLN A 10 -27.94 -34.12 -17.57
CA GLN A 10 -28.33 -35.40 -17.07
C GLN A 10 -27.95 -36.41 -18.12
N GLN A 11 -28.25 -36.08 -19.35
CA GLN A 11 -27.98 -36.96 -20.46
C GLN A 11 -27.41 -36.27 -21.68
N LEU A 12 -26.40 -36.87 -22.25
CA LEU A 12 -25.64 -36.24 -23.26
C LEU A 12 -25.11 -37.24 -24.29
N ILE A 13 -25.42 -37.01 -25.55
CA ILE A 13 -24.96 -37.85 -26.63
C ILE A 13 -24.28 -37.04 -27.71
N VAL A 14 -22.98 -37.21 -27.83
CA VAL A 14 -22.14 -36.36 -28.70
C VAL A 14 -21.72 -37.10 -29.96
N GLN A 15 -21.68 -36.38 -31.08
CA GLN A 15 -21.57 -37.04 -32.39
C GLN A 15 -20.22 -37.05 -33.09
N ASN A 16 -19.37 -36.07 -32.81
CA ASN A 16 -18.12 -35.95 -33.58
C ASN A 16 -18.29 -35.50 -35.03
N LYS A 17 -19.49 -35.03 -35.36
CA LYS A 17 -19.66 -34.08 -36.45
C LYS A 17 -19.75 -32.71 -35.79
N THR A 18 -19.43 -31.66 -36.55
CA THR A 18 -19.66 -30.29 -36.09
C THR A 18 -20.40 -29.53 -37.17
N ILE A 19 -21.46 -28.84 -36.82
CA ILE A 19 -22.17 -28.08 -37.83
C ILE A 19 -21.98 -26.61 -37.54
N ASP A 20 -22.14 -25.79 -38.56
CA ASP A 20 -21.93 -24.39 -38.39
C ASP A 20 -23.20 -23.76 -37.94
N LEU A 21 -23.07 -22.68 -37.21
CA LEU A 21 -24.19 -21.87 -36.85
C LEU A 21 -24.76 -21.28 -38.11
N PRO A 22 -25.94 -21.71 -38.49
CA PRO A 22 -26.54 -21.35 -39.77
C PRO A 22 -26.54 -19.87 -40.14
N ALA A 23 -25.83 -19.56 -41.22
CA ALA A 23 -25.80 -18.22 -41.77
C ALA A 23 -27.21 -17.75 -42.13
N VAL A 24 -27.96 -18.65 -42.76
CA VAL A 24 -29.37 -18.40 -43.03
C VAL A 24 -30.23 -19.39 -42.25
N TYR A 25 -31.12 -18.88 -41.42
CA TYR A 25 -31.96 -19.75 -40.59
C TYR A 25 -33.42 -19.38 -40.60
N GLN A 26 -34.24 -20.34 -40.25
CA GLN A 26 -35.65 -20.13 -40.11
C GLN A 26 -36.03 -20.47 -38.71
N LEU A 27 -36.63 -19.52 -38.01
CA LEU A 27 -37.00 -19.71 -36.60
C LEU A 27 -38.47 -20.08 -36.44
N ASN A 28 -38.71 -21.18 -35.73
CA ASN A 28 -40.07 -21.62 -35.43
C ASN A 28 -40.29 -21.68 -33.93
N GLY A 29 -41.16 -20.81 -33.43
CA GLY A 29 -41.40 -20.71 -32.00
C GLY A 29 -41.19 -19.36 -31.33
N GLY A 30 -40.47 -18.46 -31.98
CA GLY A 30 -40.13 -17.15 -31.46
C GLY A 30 -41.17 -16.30 -30.76
N GLU A 31 -42.38 -16.29 -31.27
CA GLU A 31 -43.42 -15.55 -30.59
C GLU A 31 -44.20 -16.39 -29.62
N GLU A 32 -43.84 -17.64 -29.42
CA GLU A 32 -44.62 -18.47 -28.53
C GLU A 32 -43.79 -19.04 -27.40
N ALA A 33 -42.50 -19.00 -27.57
CA ALA A 33 -41.61 -19.50 -26.52
C ALA A 33 -41.30 -18.42 -25.49
N ASN A 34 -40.79 -18.83 -24.34
CA ASN A 34 -40.30 -17.90 -23.31
C ASN A 34 -39.40 -16.83 -23.91
N PRO A 35 -39.82 -15.56 -23.84
CA PRO A 35 -39.10 -14.40 -24.39
C PRO A 35 -37.67 -14.26 -23.87
N HIS A 36 -37.43 -14.62 -22.61
CA HIS A 36 -36.08 -14.58 -22.07
C HIS A 36 -35.23 -15.48 -22.90
N ALA A 37 -35.71 -16.71 -23.14
CA ALA A 37 -34.91 -17.65 -23.92
C ALA A 37 -34.80 -17.18 -25.35
N VAL A 38 -35.89 -16.68 -25.92
CA VAL A 38 -35.82 -16.25 -27.32
C VAL A 38 -34.82 -15.11 -27.45
N LYS A 39 -34.71 -14.32 -26.40
CA LYS A 39 -33.78 -13.21 -26.37
C LYS A 39 -32.31 -13.65 -26.40
N VAL A 40 -31.96 -14.62 -25.56
CA VAL A 40 -30.61 -15.18 -25.61
C VAL A 40 -30.35 -15.72 -27.02
N LEU A 41 -31.29 -16.52 -27.54
CA LEU A 41 -31.10 -17.12 -28.84
C LEU A 41 -30.82 -16.08 -29.92
N LYS A 42 -31.66 -15.04 -29.98
CA LYS A 42 -31.46 -13.98 -30.96
C LYS A 42 -30.11 -13.27 -30.83
N GLU A 43 -29.67 -13.01 -29.62
CA GLU A 43 -28.35 -12.43 -29.42
C GLU A 43 -27.28 -13.35 -30.02
N LEU A 44 -27.36 -14.64 -29.73
CA LEU A 44 -26.39 -15.57 -30.31
C LEU A 44 -26.48 -15.61 -31.85
N LEU A 45 -27.60 -15.18 -32.42
CA LEU A 45 -27.78 -15.24 -33.88
C LEU A 45 -27.64 -13.89 -34.59
N SER A 46 -27.13 -12.88 -33.91
CA SER A 46 -26.90 -11.60 -34.59
C SER A 46 -26.05 -11.81 -35.83
N GLY A 47 -26.32 -11.02 -36.87
CA GLY A 47 -25.65 -11.18 -38.13
C GLY A 47 -25.88 -12.58 -38.63
N LYS A 48 -27.14 -12.91 -38.77
CA LYS A 48 -27.56 -14.18 -39.32
C LYS A 48 -28.98 -13.90 -39.73
N GLN A 49 -29.41 -14.40 -40.87
CA GLN A 49 -30.66 -13.94 -41.43
C GLN A 49 -31.75 -14.99 -41.42
N SER A 50 -32.97 -14.52 -41.32
CA SER A 50 -34.12 -15.34 -41.10
C SER A 50 -35.05 -15.31 -42.28
N LYS A 53 -36.89 -19.29 -45.65
CA LYS A 53 -36.13 -20.53 -45.62
C LYS A 53 -34.85 -20.41 -44.79
N GLY A 54 -34.02 -21.46 -44.88
CA GLY A 54 -32.83 -21.66 -44.04
C GLY A 54 -32.99 -22.85 -43.11
N MET A 55 -31.99 -23.10 -42.27
CA MET A 55 -32.04 -24.22 -41.34
C MET A 55 -33.08 -23.95 -40.26
N LEU A 56 -33.96 -24.91 -40.01
CA LEU A 56 -35.00 -24.72 -39.03
C LEU A 56 -34.43 -24.77 -37.60
N ILE A 57 -34.80 -23.77 -36.80
CA ILE A 57 -34.53 -23.77 -35.35
C ILE A 57 -35.85 -23.72 -34.59
N SER A 58 -36.09 -24.71 -33.74
CA SER A 58 -37.35 -24.76 -33.03
C SER A 58 -37.16 -24.56 -31.54
N ILE A 59 -37.80 -23.51 -31.06
CA ILE A 59 -37.75 -23.12 -29.67
C ILE A 59 -39.20 -23.08 -29.18
N GLY A 60 -39.40 -23.55 -27.94
CA GLY A 60 -40.72 -23.57 -27.33
C GLY A 60 -40.80 -24.42 -26.06
N GLU A 61 -41.90 -24.31 -25.36
CA GLU A 61 -42.25 -25.12 -24.24
C GLU A 61 -43.23 -26.24 -24.64
N LYS A 62 -43.22 -27.37 -23.95
CA LYS A 62 -44.27 -28.38 -24.13
C LYS A 62 -45.64 -27.70 -24.26
N GLY A 63 -46.42 -28.08 -25.26
CA GLY A 63 -47.73 -27.45 -25.45
C GLY A 63 -47.70 -26.42 -26.58
N ASP A 64 -46.53 -25.84 -26.82
CA ASP A 64 -46.36 -24.93 -27.93
C ASP A 64 -46.45 -25.69 -29.25
N LYS A 65 -47.14 -25.08 -30.22
CA LYS A 65 -47.15 -25.57 -31.61
C LYS A 65 -45.75 -25.90 -32.07
N SER A 66 -44.81 -25.00 -31.79
CA SER A 66 -43.46 -25.11 -32.33
C SER A 66 -42.77 -26.42 -31.98
N VAL A 67 -43.11 -27.01 -30.84
CA VAL A 67 -42.36 -28.20 -30.40
C VAL A 67 -43.14 -29.49 -30.32
N ARG A 68 -44.36 -29.50 -30.84
CA ARG A 68 -45.20 -30.67 -30.72
C ARG A 68 -44.48 -31.98 -31.14
N LYS A 69 -43.74 -31.91 -32.24
CA LYS A 69 -43.07 -33.08 -32.76
C LYS A 69 -42.16 -33.75 -31.71
N TYR A 70 -41.82 -33.03 -30.64
CA TYR A 70 -40.74 -33.48 -29.73
C TYR A 70 -41.20 -33.69 -28.29
N SER A 71 -42.48 -33.53 -28.08
CA SER A 71 -43.00 -33.61 -26.74
C SER A 71 -42.53 -34.88 -26.01
N ARG A 72 -42.32 -35.96 -26.75
CA ARG A 72 -41.86 -37.21 -26.13
C ARG A 72 -40.46 -37.04 -25.60
N GLN A 73 -39.65 -36.25 -26.32
CA GLN A 73 -38.24 -36.11 -26.01
C GLN A 73 -38.00 -35.20 -24.82
N ILE A 74 -38.95 -34.31 -24.53
CA ILE A 74 -38.78 -33.33 -23.46
C ILE A 74 -38.94 -33.95 -22.07
N PRO A 75 -37.89 -33.90 -21.24
CA PRO A 75 -38.04 -34.53 -19.94
C PRO A 75 -39.28 -34.02 -19.19
N ASP A 76 -40.01 -34.95 -18.61
CA ASP A 76 -41.18 -34.64 -17.82
C ASP A 76 -40.70 -34.29 -16.40
N HIS A 77 -39.94 -33.19 -16.32
CA HIS A 77 -39.39 -32.65 -15.08
C HIS A 77 -39.51 -31.15 -15.16
N LYS A 78 -39.95 -30.52 -14.07
CA LYS A 78 -39.79 -29.07 -13.89
C LYS A 78 -38.39 -28.59 -14.37
N GLU A 79 -38.36 -27.50 -15.13
CA GLU A 79 -37.11 -26.90 -15.56
C GLU A 79 -36.30 -27.81 -16.51
N GLY A 80 -36.87 -28.96 -16.85
CA GLY A 80 -36.23 -29.83 -17.82
C GLY A 80 -36.31 -29.29 -19.23
N TYR A 81 -35.51 -29.88 -20.11
CA TYR A 81 -35.49 -29.48 -21.50
C TYR A 81 -34.80 -30.55 -22.32
N TYR A 82 -35.02 -30.45 -23.62
CA TYR A 82 -34.46 -31.30 -24.64
C TYR A 82 -33.74 -30.39 -25.62
N LEU A 83 -32.48 -30.71 -25.94
CA LEU A 83 -31.72 -29.90 -26.87
C LEU A 83 -31.14 -30.84 -27.87
N SER A 84 -31.19 -30.40 -29.13
CA SER A 84 -30.76 -31.20 -30.24
C SER A 84 -30.15 -30.32 -31.35
N VAL A 85 -28.98 -30.74 -31.82
CA VAL A 85 -28.32 -30.11 -32.96
C VAL A 85 -27.87 -31.19 -33.91
N ASN A 86 -28.32 -31.07 -35.15
CA ASN A 86 -27.82 -31.84 -36.25
C ASN A 86 -27.69 -31.04 -37.52
N GLU A 87 -27.39 -31.69 -38.64
CA GLU A 87 -27.19 -30.99 -39.89
C GLU A 87 -28.46 -30.39 -40.43
N LYS A 88 -29.58 -31.00 -40.08
CA LYS A 88 -30.84 -30.52 -40.60
C LYS A 88 -31.62 -29.57 -39.72
N GLU A 89 -31.35 -29.54 -38.42
CA GLU A 89 -32.10 -28.60 -37.59
C GLU A 89 -31.67 -28.53 -36.13
N ILE A 90 -32.13 -27.48 -35.46
CA ILE A 90 -31.87 -27.31 -34.05
C ILE A 90 -33.17 -27.27 -33.29
N VAL A 91 -33.22 -28.01 -32.18
CA VAL A 91 -34.36 -28.01 -31.29
C VAL A 91 -33.96 -27.56 -29.87
N LEU A 92 -34.69 -26.57 -29.38
CA LEU A 92 -34.56 -26.10 -28.01
C LEU A 92 -35.94 -26.10 -27.35
N ALA A 93 -36.21 -27.11 -26.53
CA ALA A 93 -37.57 -27.34 -26.08
C ALA A 93 -37.66 -27.53 -24.59
N GLY A 94 -38.41 -26.67 -23.92
CA GLY A 94 -38.48 -26.77 -22.48
C GLY A 94 -39.69 -27.54 -22.01
N ASN A 95 -39.56 -28.19 -20.88
CA ASN A 95 -40.73 -28.76 -20.26
C ASN A 95 -41.62 -27.63 -19.82
N ASP A 96 -40.98 -26.53 -19.42
CA ASP A 96 -41.68 -25.29 -19.05
C ASP A 96 -40.80 -24.12 -19.51
N GLU A 97 -41.24 -22.92 -19.25
CA GLU A 97 -40.59 -21.73 -19.77
C GLU A 97 -39.16 -21.57 -19.28
N ARG A 98 -38.93 -21.91 -18.04
CA ARG A 98 -37.62 -21.83 -17.48
C ARG A 98 -36.73 -22.90 -18.09
N GLY A 99 -37.31 -24.04 -18.40
CA GLY A 99 -36.57 -25.11 -19.07
C GLY A 99 -36.07 -24.65 -20.42
N THR A 100 -36.88 -23.87 -21.15
CA THR A 100 -36.42 -23.37 -22.46
C THR A 100 -35.22 -22.43 -22.29
N TYR A 101 -35.27 -21.64 -21.23
CA TYR A 101 -34.22 -20.69 -20.94
C TYR A 101 -32.93 -21.46 -20.64
N TYR A 102 -33.06 -22.50 -19.83
CA TYR A 102 -31.95 -23.38 -19.49
C TYR A 102 -31.41 -24.14 -20.72
N ALA A 103 -32.29 -24.57 -21.62
CA ALA A 103 -31.83 -25.10 -22.90
C ALA A 103 -30.91 -24.07 -23.57
N LEU A 104 -31.27 -22.81 -23.54
CA LEU A 104 -30.44 -21.80 -24.13
C LEU A 104 -29.13 -21.57 -23.36
N GLN A 105 -29.15 -21.67 -22.04
CA GLN A 105 -27.91 -21.54 -21.32
C GLN A 105 -26.96 -22.65 -21.74
N THR A 106 -27.49 -23.85 -21.94
CA THR A 106 -26.62 -24.94 -22.40
C THR A 106 -26.18 -24.73 -23.85
N PHE A 107 -27.11 -24.28 -24.70
CA PHE A 107 -26.76 -23.94 -26.08
C PHE A 107 -25.58 -22.97 -26.19
N ALA A 108 -25.63 -21.88 -25.43
CA ALA A 108 -24.59 -20.87 -25.44
C ALA A 108 -23.19 -21.44 -25.17
N GLN A 109 -23.09 -22.40 -24.24
CA GLN A 109 -21.80 -22.99 -23.91
C GLN A 109 -21.30 -23.91 -25.03
N LEU A 110 -22.21 -24.53 -25.77
CA LEU A 110 -21.81 -25.37 -26.90
C LEU A 110 -21.26 -24.58 -28.09
N LEU A 111 -21.69 -23.33 -28.22
CA LEU A 111 -21.33 -22.51 -29.34
C LEU A 111 -19.87 -22.06 -29.14
N LYS A 112 -18.99 -22.56 -30.00
CA LYS A 112 -17.57 -22.23 -29.94
C LYS A 112 -17.11 -21.92 -31.37
N ASP A 113 -16.81 -20.67 -31.63
CA ASP A 113 -16.29 -20.20 -32.91
C ASP A 113 -17.26 -20.31 -34.03
N GLY A 114 -18.49 -19.94 -33.79
CA GLY A 114 -19.53 -20.08 -34.78
C GLY A 114 -19.79 -21.51 -35.14
N LYS A 115 -19.33 -22.43 -34.32
CA LYS A 115 -19.54 -23.82 -34.61
C LYS A 115 -20.26 -24.53 -33.47
N LEU A 116 -20.97 -25.60 -33.78
CA LEU A 116 -21.66 -26.42 -32.80
C LEU A 116 -21.39 -27.91 -33.00
N PRO A 117 -21.21 -28.65 -31.89
CA PRO A 117 -21.14 -30.10 -32.04
C PRO A 117 -22.53 -30.66 -32.29
N GLU A 118 -22.62 -31.68 -33.11
CA GLU A 118 -23.85 -32.38 -33.27
C GLU A 118 -24.11 -33.10 -31.95
N VAL A 119 -25.26 -32.85 -31.33
CA VAL A 119 -25.57 -33.38 -30.02
C VAL A 119 -27.05 -33.53 -29.71
N GLU A 120 -27.32 -34.45 -28.81
CA GLU A 120 -28.63 -34.62 -28.27
C GLU A 120 -28.50 -34.60 -26.75
N ILE A 121 -29.28 -33.75 -26.09
CA ILE A 121 -29.21 -33.62 -24.64
C ILE A 121 -30.59 -33.70 -24.02
N LYS A 122 -30.71 -34.50 -22.96
CA LYS A 122 -31.89 -34.45 -22.10
C LYS A 122 -31.48 -34.07 -20.69
N ASP A 123 -32.09 -33.01 -20.21
CA ASP A 123 -31.60 -32.39 -19.00
C ASP A 123 -32.75 -31.88 -18.13
N TYR A 124 -32.42 -31.69 -16.87
CA TYR A 124 -33.36 -31.23 -15.88
C TYR A 124 -32.54 -31.29 -14.58
N PRO A 125 -32.97 -30.58 -13.54
CA PRO A 125 -32.26 -30.50 -12.28
C PRO A 125 -32.60 -31.58 -11.26
N SER A 126 -31.60 -32.06 -10.52
CA SER A 126 -31.83 -33.12 -9.58
C SER A 126 -32.32 -32.53 -8.28
N VAL A 127 -32.21 -31.21 -8.12
CA VAL A 127 -32.68 -30.55 -6.90
C VAL A 127 -33.53 -29.35 -7.31
N ARG A 128 -34.72 -29.25 -6.72
CA ARG A 128 -35.76 -28.36 -7.25
C ARG A 128 -35.39 -26.90 -7.10
N TYR A 129 -34.80 -26.59 -5.95
CA TYR A 129 -34.36 -25.23 -5.63
C TYR A 129 -32.86 -25.18 -5.39
N ARG A 130 -32.22 -24.30 -6.15
CA ARG A 130 -30.76 -24.20 -6.20
C ARG A 130 -30.36 -22.74 -6.30
N GLY A 131 -29.47 -22.32 -5.42
CA GLY A 131 -29.00 -20.97 -5.50
C GLY A 131 -28.21 -20.48 -4.31
N VAL A 132 -28.50 -19.25 -3.95
CA VAL A 132 -27.74 -18.49 -3.02
C VAL A 132 -28.64 -17.79 -2.00
N VAL A 133 -28.25 -17.88 -0.74
CA VAL A 133 -28.84 -17.03 0.23
C VAL A 133 -27.82 -15.96 0.67
N GLU A 134 -28.06 -14.70 0.27
CA GLU A 134 -27.22 -13.64 0.84
C GLU A 134 -27.70 -13.43 2.28
N GLY A 135 -27.17 -14.20 3.22
CA GLY A 135 -27.62 -14.14 4.59
C GLY A 135 -26.51 -14.07 5.63
N PHE A 136 -25.34 -13.53 5.25
CA PHE A 136 -24.20 -13.42 6.16
C PHE A 136 -24.30 -12.17 7.04
N TYR A 137 -23.53 -12.11 8.14
CA TYR A 137 -23.21 -10.85 8.85
C TYR A 137 -22.06 -10.14 8.14
N GLY A 138 -22.09 -8.79 8.12
CA GLY A 138 -21.09 -7.98 7.44
C GLY A 138 -21.70 -7.02 6.42
N THR A 139 -20.87 -6.23 5.76
CA THR A 139 -21.37 -5.33 4.71
C THR A 139 -22.18 -6.06 3.63
N PRO A 140 -23.50 -5.77 3.53
CA PRO A 140 -24.25 -6.47 2.52
C PRO A 140 -23.68 -6.18 1.13
N TRP A 141 -24.00 -7.04 0.18
CA TRP A 141 -23.57 -6.89 -1.19
C TRP A 141 -24.05 -5.58 -1.72
N SER A 142 -23.20 -4.87 -2.44
CA SER A 142 -23.62 -3.67 -3.19
C SER A 142 -24.70 -3.98 -4.24
N HIS A 143 -25.51 -2.98 -4.54
CA HIS A 143 -26.46 -3.08 -5.63
C HIS A 143 -25.82 -3.63 -6.89
N GLN A 144 -24.67 -3.10 -7.28
CA GLN A 144 -24.00 -3.59 -8.49
C GLN A 144 -23.52 -5.05 -8.37
N ALA A 145 -22.99 -5.43 -7.21
CA ALA A 145 -22.62 -6.81 -7.03
C ALA A 145 -23.83 -7.68 -7.29
N ARG A 146 -24.98 -7.26 -6.76
CA ARG A 146 -26.18 -8.09 -6.86
C ARG A 146 -26.64 -8.26 -8.31
N LEU A 147 -26.64 -7.18 -9.08
CA LEU A 147 -27.05 -7.29 -10.47
C LEU A 147 -26.16 -8.33 -11.13
N SER A 148 -24.86 -8.27 -10.85
CA SER A 148 -23.95 -9.20 -11.46
C SER A 148 -24.27 -10.65 -11.02
N GLN A 149 -24.58 -10.84 -9.75
CA GLN A 149 -24.87 -12.17 -9.23
C GLN A 149 -26.07 -12.79 -9.93
N LEU A 150 -27.12 -12.00 -10.19
CA LEU A 150 -28.33 -12.54 -10.81
C LEU A 150 -28.11 -13.03 -12.25
N LYS A 151 -27.33 -12.30 -13.04
CA LYS A 151 -26.98 -12.79 -14.35
C LYS A 151 -26.16 -14.08 -14.25
N PHE A 152 -25.26 -14.13 -13.28
CA PHE A 152 -24.40 -15.29 -13.09
C PHE A 152 -25.28 -16.47 -12.74
N TYR A 153 -26.31 -16.24 -11.92
CA TYR A 153 -27.18 -17.34 -11.48
C TYR A 153 -27.98 -17.91 -12.64
N GLY A 154 -28.54 -17.05 -13.47
CA GLY A 154 -29.25 -17.53 -14.65
C GLY A 154 -28.35 -18.37 -15.53
N LYS A 155 -27.14 -17.88 -15.79
CA LYS A 155 -26.22 -18.60 -16.68
C LYS A 155 -25.91 -20.01 -16.16
N ASN A 156 -25.98 -20.21 -14.85
CA ASN A 156 -25.62 -21.50 -14.24
C ASN A 156 -26.82 -22.26 -13.71
N LYS A 157 -28.02 -21.85 -14.15
CA LYS A 157 -29.27 -22.57 -13.83
C LYS A 157 -29.48 -22.60 -12.33
N MET A 158 -29.12 -21.54 -11.66
CA MET A 158 -29.57 -21.37 -10.31
C MET A 158 -30.91 -20.60 -10.29
N ASN A 159 -31.93 -21.14 -9.62
CA ASN A 159 -33.29 -20.55 -9.70
C ASN A 159 -33.73 -19.76 -8.44
N THR A 160 -32.80 -19.59 -7.50
CA THR A 160 -33.11 -19.01 -6.22
C THR A 160 -32.06 -18.01 -5.76
N TYR A 161 -32.53 -16.82 -5.39
CA TYR A 161 -31.74 -15.83 -4.67
C TYR A 161 -32.55 -15.44 -3.46
N ILE A 162 -32.05 -15.80 -2.27
CA ILE A 162 -32.72 -15.42 -1.04
C ILE A 162 -31.97 -14.24 -0.46
N TYR A 163 -32.61 -13.07 -0.55
CA TYR A 163 -32.11 -11.84 0.03
C TYR A 163 -32.41 -11.81 1.57
N GLY A 164 -31.35 -11.83 2.37
CA GLY A 164 -31.49 -11.74 3.81
C GLY A 164 -30.17 -11.39 4.49
N PRO A 165 -29.54 -10.26 4.12
CA PRO A 165 -28.29 -9.90 4.83
C PRO A 165 -28.53 -9.54 6.26
N LYS A 166 -27.85 -10.20 7.21
CA LYS A 166 -28.13 -9.95 8.63
C LYS A 166 -28.11 -8.46 9.00
N ASP A 167 -27.31 -7.67 8.28
CA ASP A 167 -27.09 -6.29 8.71
C ASP A 167 -27.93 -5.28 7.93
N ASP A 168 -28.87 -5.77 7.12
CA ASP A 168 -29.78 -4.83 6.46
C ASP A 168 -30.89 -4.53 7.45
N PRO A 169 -30.99 -3.26 7.89
CA PRO A 169 -31.89 -2.97 9.04
C PRO A 169 -33.37 -3.16 8.69
N TYR A 170 -33.71 -3.10 7.39
CA TYR A 170 -35.11 -3.32 6.97
C TYR A 170 -35.37 -4.84 6.81
N HIS A 171 -34.35 -5.68 7.01
CA HIS A 171 -34.54 -7.14 6.98
C HIS A 171 -34.66 -7.67 8.42
N SER A 172 -33.92 -7.04 9.34
CA SER A 172 -33.89 -7.55 10.70
C SER A 172 -34.46 -6.59 11.73
N ALA A 173 -34.22 -6.82 13.00
CA ALA A 173 -34.94 -6.07 14.02
C ALA A 173 -34.15 -4.82 14.33
N PRO A 174 -34.84 -3.71 14.64
CA PRO A 174 -36.29 -3.57 14.70
C PRO A 174 -36.92 -3.13 13.40
N ASN A 175 -36.13 -2.60 12.47
CA ASN A 175 -36.78 -1.97 11.33
C ASN A 175 -37.36 -2.90 10.28
N TRP A 176 -37.34 -4.21 10.54
CA TRP A 176 -38.16 -5.13 9.74
C TRP A 176 -39.61 -4.64 9.64
N ARG A 177 -40.07 -4.00 10.71
CA ARG A 177 -41.41 -3.42 10.69
C ARG A 177 -41.57 -2.34 9.63
N LEU A 178 -40.46 -1.75 9.19
CA LEU A 178 -40.54 -0.57 8.31
C LEU A 178 -40.39 -0.87 6.84
N PRO A 179 -41.20 -0.23 6.00
CA PRO A 179 -40.95 -0.39 4.55
C PRO A 179 -39.56 0.15 4.15
N TYR A 180 -38.96 -0.38 3.10
CA TYR A 180 -37.72 0.20 2.62
C TYR A 180 -37.98 1.66 2.25
N PRO A 181 -36.95 2.51 2.40
CA PRO A 181 -37.02 3.87 1.86
C PRO A 181 -37.11 3.86 0.33
N ASP A 182 -37.50 4.96 -0.26
CA ASP A 182 -37.70 5.01 -1.70
C ASP A 182 -36.50 4.55 -2.49
N LYS A 183 -35.30 4.97 -2.08
CA LYS A 183 -34.09 4.66 -2.84
C LYS A 183 -33.81 3.16 -2.87
N GLU A 184 -33.83 2.53 -1.68
CA GLU A 184 -33.62 1.13 -1.52
C GLU A 184 -34.69 0.32 -2.23
N ALA A 185 -35.94 0.79 -2.10
CA ALA A 185 -37.08 0.13 -2.69
C ALA A 185 -36.98 0.08 -4.22
N ALA A 186 -36.56 1.17 -4.82
CA ALA A 186 -36.43 1.21 -6.27
C ALA A 186 -35.30 0.24 -6.65
N GLN A 187 -34.29 0.10 -5.80
CA GLN A 187 -33.17 -0.73 -6.19
C GLN A 187 -33.62 -2.17 -6.15
N LEU A 188 -34.41 -2.52 -5.14
CA LEU A 188 -34.96 -3.87 -5.02
C LEU A 188 -35.93 -4.12 -6.17
N GLN A 189 -36.72 -3.16 -6.54
CA GLN A 189 -37.58 -3.33 -7.66
C GLN A 189 -36.76 -3.68 -8.87
N GLU A 190 -35.64 -3.03 -9.05
CA GLU A 190 -34.77 -3.37 -10.17
C GLU A 190 -34.21 -4.79 -10.07
N LEU A 191 -33.83 -5.20 -8.85
CA LEU A 191 -33.31 -6.54 -8.65
C LEU A 191 -34.35 -7.59 -9.05
N VAL A 192 -35.61 -7.39 -8.67
CA VAL A 192 -36.66 -8.35 -9.01
C VAL A 192 -36.81 -8.45 -10.53
N ALA A 193 -36.80 -7.32 -11.20
CA ALA A 193 -36.94 -7.36 -12.66
C ALA A 193 -35.78 -8.12 -13.32
N VAL A 194 -34.56 -7.90 -12.85
CA VAL A 194 -33.38 -8.52 -13.44
C VAL A 194 -33.40 -10.02 -13.14
N ALA A 195 -33.81 -10.37 -11.93
CA ALA A 195 -33.91 -11.77 -11.54
C ALA A 195 -34.98 -12.45 -12.41
N ASN A 196 -36.10 -11.75 -12.62
CA ASN A 196 -37.16 -12.30 -13.48
C ASN A 196 -36.59 -12.67 -14.83
N GLU A 197 -35.82 -11.79 -15.40
CA GLU A 197 -35.26 -11.91 -16.74
C GLU A 197 -34.23 -13.03 -16.84
N ASN A 198 -33.57 -13.27 -15.75
CA ASN A 198 -32.59 -14.34 -15.73
C ASN A 198 -33.18 -15.59 -15.10
N GLU A 199 -34.50 -15.61 -14.94
CA GLU A 199 -35.24 -16.78 -14.50
C GLU A 199 -34.91 -17.22 -13.10
N VAL A 200 -34.60 -16.27 -12.22
CA VAL A 200 -34.28 -16.53 -10.81
C VAL A 200 -35.45 -16.07 -9.95
N ASP A 201 -35.97 -16.87 -9.01
CA ASP A 201 -36.92 -16.35 -8.04
C ASP A 201 -36.15 -15.51 -7.03
N PHE A 202 -36.49 -14.23 -6.95
CA PHE A 202 -36.00 -13.44 -5.85
C PHE A 202 -36.84 -13.78 -4.64
N VAL A 203 -36.25 -14.36 -3.62
CA VAL A 203 -36.95 -14.62 -2.36
C VAL A 203 -36.58 -13.57 -1.32
N TRP A 204 -37.55 -12.77 -0.87
CA TRP A 204 -37.23 -11.73 0.10
C TRP A 204 -37.40 -12.32 1.48
N ALA A 205 -36.37 -12.36 2.28
CA ALA A 205 -36.52 -12.91 3.64
C ALA A 205 -36.64 -11.75 4.63
N ILE A 206 -37.29 -12.02 5.76
CA ILE A 206 -37.38 -11.08 6.83
C ILE A 206 -36.92 -11.86 8.04
N HIS A 207 -36.37 -11.15 9.02
CA HIS A 207 -35.70 -11.76 10.18
C HIS A 207 -36.17 -11.01 11.44
N PRO A 208 -37.39 -11.35 11.95
CA PRO A 208 -38.08 -10.51 12.95
C PRO A 208 -38.09 -11.07 14.36
N GLY A 209 -37.56 -12.27 14.52
CA GLY A 209 -37.76 -13.00 15.76
C GLY A 209 -37.20 -12.36 17.01
N GLN A 210 -36.10 -11.63 16.89
CA GLN A 210 -35.43 -11.10 18.10
C GLN A 210 -36.37 -10.21 18.94
N ASP A 211 -37.25 -9.45 18.30
CA ASP A 211 -38.11 -8.55 19.09
C ASP A 211 -39.58 -8.70 18.70
N ILE A 212 -39.94 -9.78 18.11
CA ILE A 212 -41.29 -9.99 17.72
C ILE A 212 -42.24 -10.21 18.89
N LYS A 213 -43.36 -9.53 18.85
CA LYS A 213 -44.43 -9.74 19.79
C LYS A 213 -45.42 -10.68 19.11
N TRP A 214 -45.95 -11.66 19.83
CA TRP A 214 -46.96 -12.56 19.27
C TRP A 214 -48.32 -11.93 19.51
N ASN A 215 -48.53 -10.80 18.83
CA ASN A 215 -49.79 -10.10 18.85
C ASN A 215 -50.19 -9.71 17.42
N LYS A 216 -51.40 -9.18 17.30
CA LYS A 216 -51.98 -8.84 16.02
C LYS A 216 -51.15 -7.73 15.38
N GLU A 217 -50.66 -6.83 16.22
CA GLU A 217 -49.94 -5.65 15.71
C GLU A 217 -48.72 -6.09 14.93
N ASP A 218 -47.87 -6.88 15.54
CA ASP A 218 -46.69 -7.32 14.87
C ASP A 218 -47.00 -8.24 13.73
N ARG A 219 -47.97 -9.11 13.89
CA ARG A 219 -48.42 -9.98 12.81
C ARG A 219 -48.80 -9.15 11.58
N ASP A 220 -49.64 -8.14 11.81
CA ASP A 220 -50.07 -7.25 10.73
C ASP A 220 -48.90 -6.49 10.10
N LEU A 221 -47.96 -6.04 10.92
CA LEU A 221 -46.84 -5.30 10.40
C LEU A 221 -46.03 -6.21 9.46
N LEU A 222 -45.79 -7.43 9.91
CA LEU A 222 -45.08 -8.39 9.06
C LEU A 222 -45.84 -8.56 7.72
N LEU A 223 -47.13 -8.81 7.82
CA LEU A 223 -47.99 -8.94 6.65
C LEU A 223 -47.90 -7.73 5.72
N ALA A 224 -47.97 -6.52 6.27
CA ALA A 224 -47.96 -5.32 5.44
C ALA A 224 -46.58 -5.17 4.78
N LYS A 225 -45.56 -5.53 5.51
CA LYS A 225 -44.23 -5.52 4.92
C LYS A 225 -44.17 -6.43 3.68
N PHE A 226 -44.61 -7.67 3.84
CA PHE A 226 -44.66 -8.59 2.70
C PHE A 226 -45.47 -7.99 1.54
N GLU A 227 -46.59 -7.36 1.88
CA GLU A 227 -47.44 -6.76 0.84
C GLU A 227 -46.70 -5.66 0.08
N LYS A 228 -45.95 -4.85 0.81
CA LYS A 228 -45.13 -3.83 0.17
C LYS A 228 -44.14 -4.49 -0.75
N MET A 229 -43.46 -5.52 -0.26
CA MET A 229 -42.49 -6.22 -1.10
C MET A 229 -43.15 -6.78 -2.39
N TYR A 230 -44.39 -7.24 -2.25
CA TYR A 230 -45.14 -7.75 -3.38
C TYR A 230 -45.31 -6.66 -4.43
N GLN A 231 -45.67 -5.47 -3.96
CA GLN A 231 -45.81 -4.33 -4.84
C GLN A 231 -44.54 -4.05 -5.60
N LEU A 232 -43.41 -4.35 -5.02
CA LEU A 232 -42.14 -4.19 -5.69
C LEU A 232 -41.78 -5.32 -6.64
N GLY A 233 -42.64 -6.30 -6.72
CA GLY A 233 -42.45 -7.41 -7.61
C GLY A 233 -42.06 -8.72 -7.00
N VAL A 234 -41.85 -8.73 -5.70
CA VAL A 234 -41.46 -9.95 -5.06
C VAL A 234 -42.59 -10.99 -5.10
N ARG A 235 -42.24 -12.24 -5.41
CA ARG A 235 -43.22 -13.33 -5.51
C ARG A 235 -42.80 -14.54 -4.70
N SER A 236 -41.72 -14.41 -3.92
CA SER A 236 -41.29 -15.48 -3.03
C SER A 236 -40.84 -14.90 -1.66
N PHE A 237 -41.06 -15.62 -0.57
CA PHE A 237 -40.86 -15.05 0.78
C PHE A 237 -40.25 -16.05 1.75
N ALA A 238 -39.58 -15.54 2.76
CA ALA A 238 -38.99 -16.39 3.78
C ALA A 238 -39.04 -15.65 5.09
N VAL A 239 -39.02 -16.39 6.19
CA VAL A 239 -38.97 -15.79 7.50
C VAL A 239 -37.88 -16.54 8.20
N PHE A 240 -36.84 -15.82 8.63
CA PHE A 240 -35.69 -16.48 9.23
C PHE A 240 -35.81 -16.34 10.73
N PHE A 241 -35.61 -17.44 11.46
CA PHE A 241 -35.58 -17.35 12.93
C PHE A 241 -34.24 -17.78 13.50
N ASP A 242 -33.16 -17.58 12.73
CA ASP A 242 -31.84 -17.99 13.20
C ASP A 242 -31.16 -16.93 14.07
N ASP A 243 -30.35 -17.42 15.01
CA ASP A 243 -29.49 -16.60 15.88
C ASP A 243 -30.27 -15.57 16.66
N ILE A 244 -31.40 -15.95 17.25
CA ILE A 244 -32.18 -15.00 18.05
C ILE A 244 -32.44 -15.65 19.41
N SER A 245 -33.00 -14.88 20.34
CA SER A 245 -33.22 -15.41 21.65
C SER A 245 -34.54 -14.86 22.15
N GLY A 246 -35.16 -15.58 23.08
CA GLY A 246 -36.47 -15.15 23.61
C GLY A 246 -37.73 -15.79 23.01
N GLU A 247 -38.84 -15.08 23.16
CA GLU A 247 -40.12 -15.55 22.65
C GLU A 247 -40.08 -15.75 21.14
N GLY A 248 -39.20 -15.01 20.48
CA GLY A 248 -39.07 -15.10 19.03
C GLY A 248 -38.54 -16.45 18.59
N THR A 249 -38.48 -17.39 19.52
CA THR A 249 -37.99 -18.74 19.22
C THR A 249 -39.01 -19.84 19.54
N ASN A 250 -40.19 -19.47 20.03
CA ASN A 250 -41.28 -20.41 20.28
C ASN A 250 -41.79 -21.08 19.00
N PRO A 251 -41.52 -22.37 18.86
CA PRO A 251 -41.93 -23.12 17.67
C PRO A 251 -43.39 -22.90 17.32
N GLN A 252 -44.30 -23.37 18.13
CA GLN A 252 -45.71 -23.26 17.83
C GLN A 252 -46.09 -21.90 17.33
N LYS A 253 -45.59 -20.87 17.98
CA LYS A 253 -45.89 -19.50 17.56
C LYS A 253 -45.33 -19.27 16.16
N GLN A 254 -44.14 -19.83 15.89
CA GLN A 254 -43.54 -19.68 14.56
C GLN A 254 -44.39 -20.36 13.51
N ALA A 255 -44.76 -21.60 13.79
CA ALA A 255 -45.55 -22.38 12.85
C ALA A 255 -46.86 -21.65 12.63
N GLU A 256 -47.47 -21.16 13.71
CA GLU A 256 -48.72 -20.44 13.57
C GLU A 256 -48.56 -19.21 12.69
N LEU A 257 -47.45 -18.52 12.85
CA LEU A 257 -47.23 -17.32 12.06
C LEU A 257 -47.02 -17.69 10.61
N LEU A 258 -46.20 -18.71 10.39
CA LEU A 258 -45.96 -19.22 9.04
C LEU A 258 -47.26 -19.63 8.38
N ASN A 259 -48.05 -20.45 9.07
CA ASN A 259 -49.35 -20.88 8.52
C ASN A 259 -50.28 -19.70 8.21
N TYR A 260 -50.32 -18.72 9.11
CA TYR A 260 -51.11 -17.54 8.84
C TYR A 260 -50.61 -16.82 7.56
N ILE A 261 -49.31 -16.58 7.45
CA ILE A 261 -48.78 -15.97 6.22
C ILE A 261 -49.19 -16.78 5.01
N ASP A 262 -49.07 -18.10 5.12
CA ASP A 262 -49.49 -19.01 4.06
C ASP A 262 -50.98 -18.85 3.69
N GLU A 263 -51.82 -18.92 4.70
CA GLU A 263 -53.26 -18.96 4.48
C GLU A 263 -53.83 -17.62 4.03
N LYS A 264 -53.32 -16.53 4.61
CA LYS A 264 -53.80 -15.21 4.24
C LYS A 264 -52.96 -14.50 3.17
N PHE A 265 -51.84 -15.09 2.75
CA PHE A 265 -50.94 -14.38 1.82
C PHE A 265 -50.44 -15.32 0.72
N ALA A 266 -49.62 -16.32 1.04
CA ALA A 266 -49.13 -17.16 -0.08
C ALA A 266 -50.27 -17.88 -0.86
N GLN A 267 -51.36 -18.19 -0.15
CA GLN A 267 -52.50 -18.86 -0.78
C GLN A 267 -53.53 -17.86 -1.25
N VAL A 268 -53.28 -16.58 -1.05
CA VAL A 268 -54.26 -15.57 -1.49
C VAL A 268 -53.84 -14.79 -2.73
N LYS A 269 -52.54 -14.57 -2.88
CA LYS A 269 -52.02 -14.04 -4.13
C LYS A 269 -52.08 -15.12 -5.19
N PRO A 270 -52.17 -14.70 -6.44
CA PRO A 270 -52.27 -15.67 -7.53
C PRO A 270 -50.93 -16.32 -7.84
N ASP A 271 -49.82 -15.64 -7.53
CA ASP A 271 -48.53 -16.00 -8.09
C ASP A 271 -47.36 -16.10 -7.11
N ILE A 272 -47.61 -16.55 -5.88
CA ILE A 272 -46.51 -16.69 -4.98
C ILE A 272 -45.90 -18.06 -5.12
N ASN A 273 -44.59 -18.09 -5.30
CA ASN A 273 -43.85 -19.32 -5.53
C ASN A 273 -43.21 -20.05 -4.36
N GLN A 274 -42.32 -19.41 -3.62
CA GLN A 274 -41.56 -20.16 -2.64
C GLN A 274 -42.00 -19.52 -1.35
N LEU A 275 -42.20 -20.33 -0.32
CA LEU A 275 -42.44 -19.78 1.00
C LEU A 275 -41.61 -20.63 1.94
N VAL A 276 -40.67 -20.02 2.62
CA VAL A 276 -39.57 -20.69 3.24
C VAL A 276 -39.33 -20.18 4.63
N MET A 277 -38.99 -21.07 5.56
CA MET A 277 -38.68 -20.60 6.93
C MET A 277 -37.40 -21.24 7.48
N CYS A 278 -36.53 -20.42 8.09
CA CYS A 278 -35.35 -20.98 8.69
C CYS A 278 -35.52 -21.06 10.18
N PRO A 279 -35.39 -22.26 10.73
CA PRO A 279 -35.68 -22.49 12.13
C PRO A 279 -34.59 -21.92 13.02
N THR A 280 -34.89 -21.81 14.32
CA THR A 280 -33.97 -21.42 15.39
C THR A 280 -32.98 -22.56 15.71
N GLU A 281 -33.50 -23.79 15.85
CA GLU A 281 -32.64 -24.98 15.87
C GLU A 281 -32.41 -25.32 14.41
N TYR A 282 -31.27 -24.89 13.84
CA TYR A 282 -31.12 -25.00 12.40
C TYR A 282 -30.04 -26.00 12.02
N ASN A 283 -29.47 -26.61 13.03
CA ASN A 283 -28.55 -27.70 12.81
C ASN A 283 -28.60 -28.72 13.95
N LYS A 284 -28.11 -29.92 13.70
CA LYS A 284 -28.28 -30.98 14.65
C LYS A 284 -27.71 -30.64 16.02
N SER A 285 -26.49 -30.16 16.03
CA SER A 285 -25.80 -29.99 17.30
C SER A 285 -26.40 -28.83 18.11
N TRP A 286 -27.21 -27.99 17.48
CA TRP A 286 -27.92 -26.94 18.23
C TRP A 286 -29.34 -27.37 18.54
N SER A 287 -29.68 -28.62 18.31
CA SER A 287 -31.01 -29.07 18.69
C SER A 287 -31.09 -29.51 20.09
N ASN A 288 -32.19 -29.18 20.73
CA ASN A 288 -32.40 -29.66 22.06
C ASN A 288 -32.71 -31.16 21.97
N PRO A 289 -31.79 -32.00 22.44
CA PRO A 289 -32.05 -33.44 22.35
C PRO A 289 -33.35 -33.82 23.07
N ASN A 290 -34.30 -34.43 22.34
CA ASN A 290 -35.59 -34.77 22.91
C ASN A 290 -36.56 -33.60 23.16
N GLY A 291 -36.19 -32.40 22.72
CA GLY A 291 -37.10 -31.26 22.88
C GLY A 291 -38.10 -31.36 21.75
N ASN A 292 -39.11 -30.51 21.70
CA ASN A 292 -40.08 -30.71 20.63
C ASN A 292 -40.03 -29.64 19.53
N TYR A 293 -38.93 -28.89 19.49
CA TYR A 293 -38.81 -27.81 18.55
C TYR A 293 -39.01 -28.29 17.08
N LEU A 294 -38.24 -29.28 16.66
CA LEU A 294 -38.26 -29.60 15.25
C LEU A 294 -39.51 -30.39 14.87
N THR A 295 -39.99 -31.24 15.78
CA THR A 295 -41.20 -32.04 15.48
C THR A 295 -42.48 -31.17 15.50
N THR A 296 -42.53 -30.21 16.42
CA THR A 296 -43.57 -29.22 16.39
C THR A 296 -43.60 -28.58 15.00
N LEU A 297 -42.45 -28.14 14.50
CA LEU A 297 -42.47 -27.46 13.20
C LEU A 297 -42.87 -28.45 12.12
N GLY A 298 -42.32 -29.66 12.23
CA GLY A 298 -42.57 -30.72 11.27
C GLY A 298 -44.05 -31.06 11.18
N ASP A 299 -44.67 -31.22 12.35
CA ASP A 299 -46.11 -31.48 12.45
C ASP A 299 -47.07 -30.30 12.20
N LYS A 300 -46.70 -29.08 12.59
CA LYS A 300 -47.62 -27.93 12.42
C LYS A 300 -47.50 -27.13 11.12
N LEU A 301 -46.28 -26.97 10.58
CA LEU A 301 -46.14 -26.18 9.37
C LEU A 301 -46.85 -26.79 8.16
N ASN A 302 -47.65 -25.98 7.49
CA ASN A 302 -48.27 -26.41 6.23
C ASN A 302 -47.25 -27.05 5.30
N PRO A 303 -47.65 -28.15 4.66
CA PRO A 303 -46.77 -29.03 3.87
C PRO A 303 -45.99 -28.30 2.78
N SER A 304 -46.56 -27.22 2.26
CA SER A 304 -45.90 -26.52 1.17
C SER A 304 -44.81 -25.54 1.66
N ILE A 305 -44.58 -25.47 2.96
CA ILE A 305 -43.61 -24.54 3.51
C ILE A 305 -42.26 -25.23 3.70
N GLN A 306 -41.23 -24.67 3.09
CA GLN A 306 -39.88 -25.23 3.20
C GLN A 306 -39.27 -24.86 4.56
N ILE A 307 -38.50 -25.79 5.11
CA ILE A 307 -37.79 -25.61 6.35
C ILE A 307 -36.30 -25.74 6.07
N MET A 308 -35.51 -24.71 6.38
CA MET A 308 -34.09 -24.73 6.05
C MET A 308 -33.27 -25.47 7.11
N TRP A 309 -32.03 -25.80 6.76
CA TRP A 309 -31.19 -26.63 7.61
C TRP A 309 -29.76 -26.52 7.11
N THR A 310 -28.81 -26.38 8.05
CA THR A 310 -27.37 -26.24 7.72
C THR A 310 -26.58 -27.53 7.98
N GLY A 311 -27.23 -28.60 8.47
CA GLY A 311 -26.59 -29.92 8.57
C GLY A 311 -26.35 -30.32 10.01
N ASP A 312 -25.32 -31.13 10.25
CA ASP A 312 -25.09 -31.61 11.64
C ASP A 312 -24.57 -30.55 12.57
N ARG A 313 -23.94 -29.53 11.99
CA ARG A 313 -23.36 -28.46 12.80
C ARG A 313 -23.70 -27.15 12.12
N VAL A 314 -23.44 -26.05 12.83
CA VAL A 314 -23.64 -24.73 12.25
C VAL A 314 -22.97 -24.63 10.87
N ILE A 315 -21.68 -24.98 10.81
CA ILE A 315 -20.99 -25.14 9.55
C ILE A 315 -20.70 -26.61 9.27
N SER A 316 -21.18 -27.12 8.14
CA SER A 316 -20.98 -28.52 7.87
C SER A 316 -21.43 -29.01 6.50
N ASP A 317 -20.94 -30.18 6.13
CA ASP A 317 -21.32 -30.74 4.84
C ASP A 317 -22.47 -31.69 5.05
N ILE A 318 -23.31 -31.83 4.04
CA ILE A 318 -24.53 -32.59 4.18
C ILE A 318 -24.23 -34.05 3.82
N THR A 319 -24.64 -34.95 4.73
CA THR A 319 -24.41 -36.40 4.62
C THR A 319 -25.76 -37.12 4.55
N ARG A 320 -25.71 -38.41 4.20
CA ARG A 320 -26.91 -39.20 4.06
C ARG A 320 -27.54 -39.35 5.44
N ASP A 321 -26.75 -39.74 6.43
CA ASP A 321 -27.27 -39.87 7.79
C ASP A 321 -27.81 -38.54 8.35
N GLY A 322 -27.14 -37.44 8.04
CA GLY A 322 -27.57 -36.11 8.48
C GLY A 322 -28.92 -35.70 7.92
N ILE A 323 -29.08 -35.75 6.59
CA ILE A 323 -30.33 -35.33 5.94
C ILE A 323 -31.49 -36.23 6.34
N SER A 324 -31.19 -37.48 6.57
CA SER A 324 -32.18 -38.39 7.09
C SER A 324 -32.62 -38.02 8.51
N TRP A 325 -31.67 -37.75 9.38
CA TRP A 325 -32.00 -37.38 10.75
C TRP A 325 -33.00 -36.23 10.79
N ILE A 326 -32.70 -35.15 10.08
CA ILE A 326 -33.56 -33.99 10.04
C ILE A 326 -34.90 -34.24 9.34
N ASN A 327 -34.85 -34.88 8.17
CA ASN A 327 -36.09 -35.11 7.42
C ASN A 327 -37.13 -35.86 8.25
N GLU A 328 -36.69 -36.86 9.04
CA GLU A 328 -37.64 -37.61 9.86
C GLU A 328 -38.40 -36.70 10.84
N ARG A 329 -37.78 -35.61 11.27
CA ARG A 329 -38.45 -34.79 12.27
C ARG A 329 -39.30 -33.67 11.66
N ILE A 330 -38.89 -33.16 10.50
CA ILE A 330 -39.63 -32.07 9.90
C ILE A 330 -40.65 -32.57 8.91
N LYS A 331 -40.59 -33.86 8.62
CA LYS A 331 -41.62 -34.56 7.83
C LYS A 331 -41.64 -34.09 6.40
N ARG A 332 -40.49 -33.67 5.91
CA ARG A 332 -40.41 -33.23 4.53
C ARG A 332 -38.92 -33.14 4.20
N PRO A 333 -38.58 -32.97 2.91
CA PRO A 333 -37.17 -32.83 2.56
C PRO A 333 -36.62 -31.45 2.95
N ALA A 334 -35.56 -31.44 3.75
CA ALA A 334 -34.89 -30.21 4.16
C ALA A 334 -34.51 -29.30 2.96
N TYR A 335 -34.60 -27.99 3.16
CA TYR A 335 -34.12 -27.00 2.21
C TYR A 335 -32.73 -26.63 2.78
N ILE A 336 -31.66 -27.12 2.18
CA ILE A 336 -30.32 -26.88 2.72
C ILE A 336 -29.79 -25.47 2.62
N TRP A 337 -29.31 -24.97 3.75
CA TRP A 337 -28.57 -23.71 3.85
C TRP A 337 -27.13 -24.10 4.15
N TRP A 338 -26.32 -24.12 3.12
CA TRP A 338 -24.94 -24.55 3.28
C TRP A 338 -24.00 -23.34 3.56
N ASN A 339 -23.45 -23.36 4.76
CA ASN A 339 -22.63 -22.29 5.27
C ASN A 339 -21.19 -22.32 4.72
N PHE A 340 -21.08 -22.21 3.38
CA PHE A 340 -19.78 -22.10 2.72
C PHE A 340 -20.10 -21.47 1.37
N PRO A 341 -19.28 -20.51 0.92
CA PRO A 341 -18.01 -19.99 1.47
C PRO A 341 -18.10 -18.87 2.51
N VAL A 342 -19.29 -18.62 3.08
CA VAL A 342 -19.44 -17.60 4.11
C VAL A 342 -18.25 -17.52 5.07
N SER A 343 -17.78 -16.28 5.33
CA SER A 343 -16.56 -16.10 6.12
CA SER A 343 -16.53 -15.95 6.03
C SER A 343 -16.76 -15.16 7.29
N ASP A 344 -18.01 -14.86 7.58
CA ASP A 344 -18.36 -13.85 8.55
C ASP A 344 -17.89 -14.17 9.99
N TYR A 345 -17.29 -15.33 10.18
CA TYR A 345 -16.79 -15.64 11.53
C TYR A 345 -15.29 -15.93 11.46
N VAL A 346 -14.72 -15.85 10.25
CA VAL A 346 -13.29 -15.90 10.04
C VAL A 346 -13.00 -14.79 9.04
N ARG A 347 -13.33 -13.53 9.38
CA ARG A 347 -13.39 -12.50 8.32
C ARG A 347 -12.04 -12.07 7.80
N ASP A 348 -10.98 -12.51 8.45
CA ASP A 348 -9.66 -12.23 7.95
C ASP A 348 -9.16 -13.26 6.94
N HIS A 349 -10.00 -14.23 6.61
CA HIS A 349 -9.66 -15.21 5.57
C HIS A 349 -10.56 -15.02 4.37
N LEU A 350 -10.04 -15.32 3.18
CA LEU A 350 -10.89 -15.53 2.01
C LEU A 350 -11.07 -17.04 1.87
N LEU A 351 -12.25 -17.54 1.50
CA LEU A 351 -12.43 -18.99 1.26
C LEU A 351 -12.69 -19.32 -0.20
N LEU A 352 -11.63 -19.65 -0.93
CA LEU A 352 -11.66 -19.64 -2.39
C LEU A 352 -11.35 -21.02 -2.92
N GLY A 353 -11.34 -22.01 -2.02
CA GLY A 353 -11.13 -23.38 -2.44
C GLY A 353 -12.33 -24.03 -3.13
N PRO A 354 -12.18 -25.30 -3.51
CA PRO A 354 -13.26 -26.04 -4.15
C PRO A 354 -14.42 -26.32 -3.20
N VAL A 355 -15.58 -26.57 -3.77
CA VAL A 355 -16.76 -26.92 -3.03
C VAL A 355 -16.76 -28.45 -3.00
N TYR A 356 -16.76 -29.03 -1.79
CA TYR A 356 -16.71 -30.46 -1.63
C TYR A 356 -17.26 -30.87 -0.26
N GLY A 357 -17.53 -32.16 -0.08
CA GLY A 357 -17.90 -32.66 1.23
C GLY A 357 -19.35 -33.06 1.32
N ASN A 358 -20.17 -32.65 0.35
CA ASN A 358 -21.58 -32.91 0.42
C ASN A 358 -21.88 -34.21 -0.33
N ASP A 359 -22.59 -35.13 0.32
CA ASP A 359 -22.92 -36.40 -0.31
C ASP A 359 -23.58 -36.15 -1.69
N THR A 360 -23.24 -36.96 -2.69
CA THR A 360 -23.68 -36.73 -4.07
C THR A 360 -24.87 -37.62 -4.46
N THR A 361 -25.38 -38.39 -3.48
CA THR A 361 -26.45 -39.34 -3.79
C THR A 361 -27.80 -39.01 -3.14
N ILE A 362 -27.91 -37.86 -2.49
CA ILE A 362 -29.07 -37.56 -1.67
C ILE A 362 -29.98 -36.48 -2.23
N ALA A 363 -29.92 -36.24 -3.54
CA ALA A 363 -30.75 -35.23 -4.17
C ALA A 363 -32.22 -35.34 -3.76
N LYS A 364 -32.74 -36.57 -3.79
CA LYS A 364 -34.17 -36.76 -3.53
C LYS A 364 -34.50 -36.40 -2.12
N GLU A 365 -33.49 -36.37 -1.24
CA GLU A 365 -33.73 -36.06 0.17
C GLU A 365 -33.70 -34.56 0.52
N MET A 366 -33.52 -33.69 -0.46
CA MET A 366 -33.50 -32.26 -0.18
C MET A 366 -34.37 -31.52 -1.16
N SER A 367 -35.08 -30.53 -0.66
CA SER A 367 -35.97 -29.81 -1.55
C SER A 367 -35.28 -28.54 -2.08
N GLY A 368 -34.20 -28.14 -1.40
CA GLY A 368 -33.42 -27.00 -1.86
C GLY A 368 -32.00 -27.10 -1.37
N PHE A 369 -31.11 -26.38 -2.04
CA PHE A 369 -29.71 -26.31 -1.63
C PHE A 369 -29.22 -24.90 -1.98
N VAL A 370 -28.98 -24.11 -0.94
CA VAL A 370 -28.44 -22.77 -1.18
C VAL A 370 -27.19 -22.59 -0.41
N THR A 371 -26.29 -21.83 -1.03
CA THR A 371 -25.02 -21.44 -0.39
C THR A 371 -25.10 -20.04 0.25
N ASN A 372 -24.74 -19.95 1.53
CA ASN A 372 -24.45 -18.70 2.19
C ASN A 372 -23.02 -18.26 1.82
N PRO A 373 -22.85 -17.20 1.01
CA PRO A 373 -21.52 -16.86 0.51
C PRO A 373 -20.71 -15.92 1.44
N MET A 374 -19.54 -15.51 0.97
CA MET A 374 -18.79 -14.45 1.61
C MET A 374 -19.38 -13.03 1.36
N GLU A 375 -19.02 -12.10 2.24
CA GLU A 375 -19.40 -10.74 1.98
C GLU A 375 -18.67 -10.20 0.71
N HIS A 376 -17.62 -10.91 0.28
CA HIS A 376 -16.99 -10.64 -1.01
C HIS A 376 -17.75 -11.37 -2.13
N ALA A 377 -18.60 -10.62 -2.82
CA ALA A 377 -19.48 -11.19 -3.83
C ALA A 377 -18.75 -11.83 -5.01
N GLU A 378 -17.88 -11.11 -5.70
CA GLU A 378 -17.24 -11.68 -6.88
C GLU A 378 -16.40 -12.88 -6.46
N SER A 379 -15.70 -12.76 -5.34
CA SER A 379 -14.88 -13.87 -4.83
C SER A 379 -15.71 -15.12 -4.57
N SER A 380 -16.97 -14.92 -4.19
CA SER A 380 -17.87 -16.03 -3.90
C SER A 380 -18.35 -16.83 -5.15
N LYS A 381 -18.21 -16.24 -6.36
CA LYS A 381 -18.62 -16.88 -7.59
C LYS A 381 -17.93 -18.20 -7.85
N ILE A 382 -16.77 -18.42 -7.23
CA ILE A 382 -16.10 -19.71 -7.34
C ILE A 382 -16.92 -20.84 -6.66
N ALA A 383 -17.24 -20.68 -5.38
CA ALA A 383 -18.09 -21.67 -4.71
C ALA A 383 -19.51 -21.70 -5.35
N ILE A 384 -20.03 -20.52 -5.67
CA ILE A 384 -21.39 -20.41 -6.27
C ILE A 384 -21.60 -21.17 -7.59
N TYR A 385 -20.68 -21.01 -8.51
CA TYR A 385 -20.72 -21.75 -9.75
C TYR A 385 -20.61 -23.24 -9.39
N SER A 386 -19.79 -23.56 -8.40
CA SER A 386 -19.58 -24.97 -8.09
C SER A 386 -20.84 -25.53 -7.43
N VAL A 387 -21.44 -24.74 -6.55
CA VAL A 387 -22.68 -25.16 -5.93
C VAL A 387 -23.76 -25.35 -7.00
N ALA A 388 -23.81 -24.45 -8.01
CA ALA A 388 -24.79 -24.57 -9.09
C ALA A 388 -24.62 -25.92 -9.81
N SER A 389 -23.38 -26.25 -10.11
CA SER A 389 -23.03 -27.47 -10.81
C SER A 389 -23.47 -28.68 -9.98
N TYR A 390 -23.18 -28.64 -8.68
CA TYR A 390 -23.45 -29.75 -7.79
C TYR A 390 -24.93 -30.02 -7.62
N ALA A 391 -25.71 -28.96 -7.51
CA ALA A 391 -27.11 -29.13 -7.16
C ALA A 391 -27.94 -29.39 -8.42
N TRP A 392 -27.40 -29.07 -9.59
CA TRP A 392 -28.14 -29.38 -10.77
C TRP A 392 -27.93 -30.88 -11.10
N ASN A 393 -26.69 -31.33 -10.99
CA ASN A 393 -26.37 -32.71 -11.29
C ASN A 393 -25.38 -33.29 -10.30
N PRO A 394 -25.82 -33.60 -9.10
CA PRO A 394 -24.83 -34.06 -8.09
C PRO A 394 -24.12 -35.35 -8.44
N ALA A 395 -24.72 -36.18 -9.31
CA ALA A 395 -24.18 -37.50 -9.63
C ALA A 395 -22.95 -37.39 -10.51
N LYS A 396 -22.88 -36.34 -11.32
CA LYS A 396 -21.64 -36.10 -12.07
C LYS A 396 -20.77 -34.99 -11.45
N TYR A 397 -21.02 -34.61 -10.21
CA TYR A 397 -20.31 -33.49 -9.61
C TYR A 397 -18.82 -33.80 -9.46
N ASP A 398 -17.98 -32.92 -9.97
CA ASP A 398 -16.53 -33.14 -10.02
C ASP A 398 -15.91 -31.93 -9.32
N THR A 399 -15.38 -32.15 -8.11
CA THR A 399 -14.87 -31.09 -7.23
C THR A 399 -13.84 -30.15 -7.88
N TRP A 400 -12.70 -30.69 -8.28
CA TRP A 400 -11.64 -29.88 -8.84
C TRP A 400 -11.97 -29.38 -10.25
N GLN A 401 -12.61 -30.20 -11.07
CA GLN A 401 -12.85 -29.74 -12.44
C GLN A 401 -13.76 -28.52 -12.44
N THR A 402 -14.77 -28.52 -11.58
CA THR A 402 -15.74 -27.43 -11.55
C THR A 402 -15.07 -26.17 -10.99
N TRP A 403 -14.26 -26.34 -9.96
CA TRP A 403 -13.51 -25.27 -9.37
C TRP A 403 -12.69 -24.57 -10.47
N LYS A 404 -11.89 -25.35 -11.20
CA LYS A 404 -11.11 -24.80 -12.33
C LYS A 404 -11.98 -24.16 -13.40
N ASP A 405 -13.15 -24.75 -13.66
CA ASP A 405 -14.06 -24.20 -14.67
C ASP A 405 -14.62 -22.88 -14.19
N ALA A 406 -14.83 -22.76 -12.87
CA ALA A 406 -15.38 -21.53 -12.30
C ALA A 406 -14.31 -20.41 -12.45
N ILE A 407 -13.11 -20.74 -12.05
CA ILE A 407 -12.03 -19.76 -12.10
C ILE A 407 -11.84 -19.25 -13.55
N ARG A 408 -11.91 -20.16 -14.49
CA ARG A 408 -11.69 -19.81 -15.88
C ARG A 408 -12.89 -19.07 -16.47
N THR A 409 -14.06 -19.21 -15.84
CA THR A 409 -15.24 -18.44 -16.27
C THR A 409 -15.17 -17.05 -15.70
N ILE A 410 -14.76 -16.97 -14.44
CA ILE A 410 -14.62 -15.69 -13.78
CA ILE A 410 -14.62 -15.70 -13.76
C ILE A 410 -13.45 -14.83 -14.30
N LEU A 411 -12.34 -15.46 -14.66
CA LEU A 411 -11.19 -14.65 -15.05
C LEU A 411 -10.41 -15.34 -16.15
N PRO A 412 -11.04 -15.47 -17.33
CA PRO A 412 -10.37 -16.23 -18.35
C PRO A 412 -8.95 -15.69 -18.60
N SER A 413 -8.77 -14.37 -18.47
CA SER A 413 -7.47 -13.74 -18.81
C SER A 413 -6.40 -14.05 -17.81
N ALA A 414 -6.75 -14.46 -16.60
CA ALA A 414 -5.70 -14.82 -15.61
C ALA A 414 -6.04 -16.05 -14.76
N ALA A 415 -6.59 -17.07 -15.42
CA ALA A 415 -7.08 -18.23 -14.70
C ALA A 415 -6.02 -18.90 -13.85
N GLU A 416 -4.85 -19.10 -14.44
CA GLU A 416 -3.85 -19.88 -13.72
C GLU A 416 -3.44 -19.13 -12.47
N GLU A 417 -3.36 -17.79 -12.60
CA GLU A 417 -2.99 -16.93 -11.48
C GLU A 417 -4.04 -16.96 -10.38
N LEU A 418 -5.32 -16.88 -10.79
CA LEU A 418 -6.38 -16.97 -9.79
C LEU A 418 -6.30 -18.35 -9.12
N GLU A 419 -6.00 -19.37 -9.93
CA GLU A 419 -5.90 -20.72 -9.43
C GLU A 419 -4.84 -20.86 -8.36
N CYS A 420 -3.66 -20.33 -8.67
CA CYS A 420 -2.56 -20.31 -7.72
C CYS A 420 -3.02 -19.59 -6.44
N PHE A 421 -3.65 -18.44 -6.62
CA PHE A 421 -4.07 -17.65 -5.47
C PHE A 421 -5.12 -18.39 -4.63
N ALA A 422 -6.16 -18.88 -5.29
CA ALA A 422 -7.26 -19.55 -4.57
C ALA A 422 -6.81 -20.82 -3.85
N MET A 423 -5.91 -21.54 -4.49
CA MET A 423 -5.43 -22.78 -3.92
C MET A 423 -4.76 -22.59 -2.57
N HIS A 424 -4.19 -21.41 -2.35
CA HIS A 424 -3.51 -21.17 -1.08
C HIS A 424 -4.28 -20.23 -0.16
N ASN A 425 -5.57 -20.07 -0.47
CA ASN A 425 -6.53 -19.28 0.32
C ASN A 425 -7.85 -20.03 0.40
N SER A 426 -7.85 -21.12 1.15
CA SER A 426 -9.01 -22.00 1.18
C SER A 426 -9.39 -22.45 2.58
N ASP A 427 -8.41 -22.50 3.50
CA ASP A 427 -8.68 -22.96 4.84
C ASP A 427 -9.13 -21.78 5.70
N LEU A 428 -9.88 -22.08 6.77
CA LEU A 428 -10.44 -21.03 7.61
C LEU A 428 -9.57 -20.67 8.81
N GLY A 429 -8.56 -21.47 9.04
CA GLY A 429 -7.84 -21.43 10.30
C GLY A 429 -8.77 -21.88 11.40
N PRO A 430 -8.23 -22.07 12.62
CA PRO A 430 -8.92 -22.47 13.86
C PRO A 430 -10.09 -21.56 14.16
N ASN A 431 -11.24 -22.11 14.51
CA ASN A 431 -12.42 -21.25 14.70
C ASN A 431 -13.43 -21.92 15.60
N GLY A 432 -14.38 -21.13 16.09
CA GLY A 432 -15.33 -21.60 17.09
C GLY A 432 -16.27 -22.64 16.53
N HIS A 433 -16.39 -22.70 15.21
CA HIS A 433 -17.26 -23.70 14.62
C HIS A 433 -16.58 -24.99 14.26
N GLY A 434 -15.24 -25.07 14.42
CA GLY A 434 -14.49 -26.29 14.10
C GLY A 434 -14.39 -26.69 12.63
N TYR A 435 -14.74 -25.81 11.69
CA TYR A 435 -14.78 -26.22 10.27
C TYR A 435 -13.51 -25.83 9.54
N ARG A 436 -12.95 -26.77 8.77
CA ARG A 436 -11.67 -26.59 8.10
C ARG A 436 -11.76 -27.03 6.65
N ARG A 437 -10.84 -26.54 5.82
CA ARG A 437 -10.76 -26.98 4.44
C ARG A 437 -9.30 -27.27 4.17
N GLU A 438 -9.04 -28.16 3.24
CA GLU A 438 -7.67 -28.41 2.89
C GLU A 438 -7.16 -27.17 2.18
N GLU A 439 -5.84 -27.04 2.13
CA GLU A 439 -5.19 -25.90 1.49
C GLU A 439 -3.79 -26.32 1.11
N SER A 440 -3.34 -25.87 -0.06
CA SER A 440 -1.98 -26.07 -0.43
C SER A 440 -1.57 -27.55 -0.37
N MET A 441 -2.49 -28.46 -0.66
CA MET A 441 -2.20 -29.90 -0.57
C MET A 441 -1.13 -30.28 -1.58
N ASP A 442 -1.17 -29.67 -2.76
CA ASP A 442 -0.15 -29.96 -3.76
C ASP A 442 1.28 -29.95 -3.17
N ILE A 443 1.63 -28.95 -2.36
CA ILE A 443 3.02 -28.84 -1.89
C ILE A 443 3.21 -29.28 -0.45
N GLN A 444 2.12 -29.68 0.22
CA GLN A 444 2.16 -29.96 1.65
C GLN A 444 3.14 -31.06 2.02
N PRO A 445 3.17 -32.14 1.22
CA PRO A 445 4.11 -33.23 1.49
C PRO A 445 5.57 -32.74 1.44
N ALA A 446 5.94 -32.05 0.36
CA ALA A 446 7.27 -31.47 0.27
C ALA A 446 7.56 -30.53 1.48
N ALA A 447 6.59 -29.70 1.87
CA ALA A 447 6.81 -28.82 3.00
C ALA A 447 7.13 -29.66 4.22
N GLU A 448 6.40 -30.76 4.37
CA GLU A 448 6.45 -31.50 5.62
C GLU A 448 7.78 -32.25 5.72
N ARG A 449 8.22 -32.84 4.61
CA ARG A 449 9.52 -33.51 4.59
C ARG A 449 10.65 -32.52 4.82
N PHE A 450 10.61 -31.41 4.10
CA PHE A 450 11.66 -30.42 4.22
C PHE A 450 11.83 -29.99 5.68
N LEU A 451 10.73 -29.66 6.34
CA LEU A 451 10.80 -29.11 7.70
C LEU A 451 11.23 -30.14 8.75
N LYS A 452 10.81 -31.39 8.56
CA LYS A 452 11.12 -32.44 9.51
C LYS A 452 12.62 -32.70 9.47
N ALA A 453 13.14 -32.81 8.26
CA ALA A 453 14.56 -33.03 8.07
C ALA A 453 15.35 -31.88 8.69
N PHE A 454 15.19 -30.70 8.09
CA PHE A 454 15.85 -29.49 8.54
C PHE A 454 15.87 -29.40 10.06
N LYS A 455 14.69 -29.43 10.68
CA LYS A 455 14.63 -29.31 12.14
C LYS A 455 15.54 -30.31 12.82
N GLU A 456 15.60 -31.54 12.31
CA GLU A 456 16.32 -32.60 13.02
C GLU A 456 17.78 -32.75 12.60
N GLY A 457 18.28 -31.82 11.80
CA GLY A 457 19.68 -31.81 11.35
C GLY A 457 19.97 -32.90 10.33
N LYS A 458 18.90 -33.48 9.82
CA LYS A 458 18.96 -34.51 8.82
C LYS A 458 18.82 -33.88 7.42
N ASN A 459 19.65 -34.30 6.47
CA ASN A 459 19.68 -33.65 5.15
C ASN A 459 18.31 -33.57 4.49
N TYR A 460 17.97 -32.40 3.93
CA TYR A 460 16.72 -32.27 3.19
C TYR A 460 16.88 -32.60 1.72
N ASP A 461 15.81 -33.07 1.13
CA ASP A 461 15.82 -33.38 -0.27
C ASP A 461 15.85 -32.13 -1.15
N LYS A 462 16.83 -32.04 -2.04
CA LYS A 462 16.93 -30.89 -2.94
C LYS A 462 15.65 -30.68 -3.78
N ALA A 463 14.97 -31.76 -4.13
CA ALA A 463 13.71 -31.63 -4.85
C ALA A 463 12.65 -30.87 -4.04
N ASP A 464 12.59 -31.12 -2.73
CA ASP A 464 11.61 -30.46 -1.87
C ASP A 464 11.90 -28.94 -1.74
N PHE A 465 13.18 -28.62 -1.62
CA PHE A 465 13.64 -27.24 -1.54
C PHE A 465 13.22 -26.48 -2.80
N GLU A 466 13.32 -27.15 -3.95
CA GLU A 466 13.04 -26.50 -5.23
C GLU A 466 11.57 -26.30 -5.48
N THR A 467 10.77 -27.24 -5.00
CA THR A 467 9.31 -27.14 -5.06
C THR A 467 8.81 -25.86 -4.34
N LEU A 468 9.28 -25.68 -3.11
CA LEU A 468 8.96 -24.51 -2.30
C LEU A 468 9.35 -23.22 -3.01
N GLN A 469 10.60 -23.18 -3.44
CA GLN A 469 11.15 -22.10 -4.19
C GLN A 469 10.28 -21.78 -5.40
N TYR A 470 9.84 -22.81 -6.10
CA TYR A 470 9.03 -22.67 -7.30
C TYR A 470 7.66 -22.10 -6.89
N THR A 471 7.18 -22.53 -5.74
CA THR A 471 5.89 -22.07 -5.27
C THR A 471 5.93 -20.58 -4.96
N PHE A 472 6.93 -20.17 -4.17
CA PHE A 472 7.08 -18.75 -3.84
C PHE A 472 7.15 -17.90 -5.11
N GLU A 473 7.85 -18.37 -6.11
CA GLU A 473 7.96 -17.63 -7.36
C GLU A 473 6.63 -17.50 -8.07
N ARG A 474 5.91 -18.60 -8.19
CA ARG A 474 4.60 -18.57 -8.83
C ARG A 474 3.60 -17.71 -8.07
N MET A 475 3.71 -17.72 -6.74
CA MET A 475 2.88 -16.89 -5.91
C MET A 475 3.11 -15.39 -6.22
N LYS A 476 4.39 -14.99 -6.32
CA LYS A 476 4.68 -13.58 -6.66
C LYS A 476 4.12 -13.24 -8.03
N GLU A 477 4.30 -14.10 -9.01
CA GLU A 477 3.80 -13.76 -10.37
C GLU A 477 2.29 -13.58 -10.40
N SER A 478 1.58 -14.42 -9.65
CA SER A 478 0.12 -14.38 -9.70
C SER A 478 -0.40 -13.18 -8.91
N ALA A 479 0.24 -12.85 -7.79
CA ALA A 479 -0.09 -11.63 -7.04
C ALA A 479 0.01 -10.42 -7.94
N ASP A 480 1.15 -10.22 -8.57
CA ASP A 480 1.35 -9.01 -9.35
C ASP A 480 0.47 -8.97 -10.57
N ILE A 481 0.24 -10.13 -11.17
CA ILE A 481 -0.61 -10.18 -12.34
C ILE A 481 -2.06 -9.93 -11.89
N LEU A 482 -2.44 -10.46 -10.72
CA LEU A 482 -3.81 -10.26 -10.22
C LEU A 482 -4.12 -8.77 -9.93
N LEU A 483 -3.23 -8.09 -9.23
CA LEU A 483 -3.46 -6.67 -8.90
C LEU A 483 -3.79 -5.82 -10.11
N MET A 484 -3.24 -6.17 -11.26
CA MET A 484 -3.31 -5.30 -12.42
C MET A 484 -4.31 -5.78 -13.43
N ASN A 485 -5.02 -6.83 -13.07
CA ASN A 485 -6.02 -7.35 -13.97
C ASN A 485 -7.24 -6.45 -14.04
N THR A 486 -7.75 -6.21 -15.23
CA THR A 486 -8.88 -5.28 -15.38
C THR A 486 -10.04 -5.94 -16.06
N GLU A 487 -9.99 -7.26 -16.16
CA GLU A 487 -11.08 -7.98 -16.76
C GLU A 487 -12.27 -8.10 -15.79
N ASN A 488 -11.96 -8.21 -14.49
CA ASN A 488 -12.98 -8.18 -13.46
C ASN A 488 -12.44 -7.35 -12.30
N LYS A 489 -12.57 -6.04 -12.45
CA LYS A 489 -12.10 -5.11 -11.43
C LYS A 489 -12.77 -5.34 -10.09
N PRO A 490 -14.07 -5.61 -10.07
CA PRO A 490 -14.64 -5.69 -8.73
C PRO A 490 -14.06 -6.86 -7.96
N LEU A 491 -13.76 -7.96 -8.65
CA LEU A 491 -13.14 -9.09 -7.98
C LEU A 491 -11.77 -8.70 -7.41
N ILE A 492 -11.01 -7.96 -8.22
CA ILE A 492 -9.69 -7.51 -7.81
C ILE A 492 -9.74 -6.56 -6.65
N VAL A 493 -10.71 -5.66 -6.66
CA VAL A 493 -10.86 -4.80 -5.50
C VAL A 493 -11.09 -5.63 -4.24
N GLU A 494 -12.02 -6.58 -4.28
CA GLU A 494 -12.30 -7.42 -3.08
C GLU A 494 -11.04 -8.11 -2.52
N ILE A 495 -10.20 -8.69 -3.39
CA ILE A 495 -9.08 -9.52 -2.88
C ILE A 495 -7.73 -8.84 -2.68
N THR A 496 -7.60 -7.61 -3.21
CA THR A 496 -6.35 -6.85 -3.15
C THR A 496 -5.61 -6.87 -1.80
N PRO A 497 -6.31 -6.60 -0.69
CA PRO A 497 -5.52 -6.63 0.54
C PRO A 497 -4.83 -7.97 0.72
N TRP A 498 -5.51 -9.04 0.35
CA TRP A 498 -4.99 -10.40 0.54
C TRP A 498 -3.95 -10.69 -0.52
N VAL A 499 -4.16 -10.18 -1.73
CA VAL A 499 -3.12 -10.31 -2.71
C VAL A 499 -1.79 -9.64 -2.27
N HIS A 500 -1.85 -8.50 -1.60
CA HIS A 500 -0.63 -7.86 -1.11
C HIS A 500 -0.03 -8.77 -0.08
N GLN A 501 -0.87 -9.26 0.81
CA GLN A 501 -0.37 -10.03 1.94
C GLN A 501 0.25 -11.35 1.46
N PHE A 502 -0.37 -11.90 0.43
CA PHE A 502 0.04 -13.13 -0.23
C PHE A 502 1.40 -12.91 -0.89
N LYS A 503 1.57 -11.75 -1.56
CA LYS A 503 2.87 -11.50 -2.21
C LYS A 503 3.99 -11.38 -1.19
N LEU A 504 3.73 -10.71 -0.07
CA LEU A 504 4.78 -10.59 0.96
C LEU A 504 5.07 -11.93 1.58
N THR A 505 4.06 -12.79 1.64
CA THR A 505 4.32 -14.13 2.18
C THR A 505 5.32 -14.82 1.23
N ALA A 506 5.05 -14.76 -0.07
CA ALA A 506 5.93 -15.41 -1.01
C ALA A 506 7.37 -14.85 -0.89
N GLU A 507 7.51 -13.53 -0.73
CA GLU A 507 8.82 -12.94 -0.60
C GLU A 507 9.43 -13.36 0.73
N MET A 508 8.64 -13.43 1.79
CA MET A 508 9.25 -13.87 3.04
C MET A 508 9.87 -15.29 2.84
N GLY A 509 9.18 -16.16 2.10
CA GLY A 509 9.63 -17.55 1.88
C GLY A 509 10.95 -17.69 1.11
N GLU A 510 11.09 -16.94 0.00
CA GLU A 510 12.32 -16.81 -0.72
C GLU A 510 13.48 -16.36 0.17
N GLU A 511 13.25 -15.40 1.05
CA GLU A 511 14.34 -14.89 1.85
C GLU A 511 14.76 -15.91 2.90
N VAL A 512 13.77 -16.55 3.49
CA VAL A 512 14.02 -17.56 4.47
C VAL A 512 14.72 -18.75 3.78
N LEU A 513 14.34 -19.07 2.54
CA LEU A 513 15.04 -20.14 1.83
C LEU A 513 16.51 -19.77 1.59
N LYS A 514 16.74 -18.53 1.19
CA LYS A 514 18.12 -18.06 1.03
C LYS A 514 18.86 -18.13 2.36
N MET A 515 18.16 -17.95 3.47
CA MET A 515 18.84 -18.05 4.74
C MET A 515 19.24 -19.51 5.03
N VAL A 516 18.49 -20.44 4.43
CA VAL A 516 18.81 -21.85 4.64
C VAL A 516 20.06 -22.20 3.84
N GLU A 517 20.16 -21.71 2.59
CA GLU A 517 21.31 -21.92 1.75
C GLU A 517 22.50 -21.24 2.43
N GLY A 518 22.40 -19.93 2.61
CA GLY A 518 23.30 -19.20 3.51
C GLY A 518 24.76 -19.08 3.09
N ARG A 519 25.03 -18.36 2.01
CA ARG A 519 26.40 -18.18 1.53
C ARG A 519 27.45 -17.99 2.63
N ASN A 520 27.22 -17.05 3.53
CA ASN A 520 28.21 -16.64 4.53
C ASN A 520 27.53 -15.89 5.67
N GLU A 521 28.33 -15.39 6.62
CA GLU A 521 27.73 -14.75 7.79
C GLU A 521 27.05 -13.42 7.47
N SER A 522 27.66 -12.64 6.61
CA SER A 522 27.12 -11.35 6.30
C SER A 522 25.85 -11.45 5.41
N TYR A 523 25.83 -12.41 4.49
CA TYR A 523 24.67 -12.58 3.61
C TYR A 523 23.46 -13.02 4.42
N PHE A 524 23.71 -13.82 5.45
CA PHE A 524 22.67 -14.31 6.30
C PHE A 524 21.99 -13.16 7.01
N LEU A 525 22.78 -12.23 7.51
CA LEU A 525 22.18 -11.12 8.25
C LEU A 525 21.38 -10.24 7.31
N ARG A 526 21.86 -10.10 6.08
CA ARG A 526 21.09 -9.32 5.12
C ARG A 526 19.71 -9.95 4.95
N LYS A 527 19.68 -11.26 4.73
CA LYS A 527 18.40 -11.93 4.54
C LYS A 527 17.58 -11.85 5.83
N TYR A 528 18.22 -12.06 6.98
CA TYR A 528 17.50 -12.05 8.26
C TYR A 528 16.83 -10.69 8.45
N ASN A 529 17.53 -9.62 8.04
CA ASN A 529 16.97 -8.29 8.19
C ASN A 529 15.86 -8.00 7.23
N HIS A 530 16.00 -8.51 6.01
CA HIS A 530 14.94 -8.37 5.04
C HIS A 530 13.69 -9.01 5.56
N VAL A 531 13.84 -10.17 6.20
CA VAL A 531 12.72 -10.92 6.70
C VAL A 531 12.03 -10.18 7.83
N LYS A 532 12.78 -9.53 8.72
CA LYS A 532 12.14 -8.75 9.79
C LYS A 532 11.33 -7.65 9.17
N ALA A 533 11.88 -7.03 8.15
CA ALA A 533 11.14 -5.96 7.50
C ALA A 533 9.83 -6.49 6.91
N LEU A 534 9.89 -7.61 6.20
CA LEU A 534 8.68 -8.18 5.63
C LEU A 534 7.63 -8.50 6.74
N GLN A 535 8.09 -9.04 7.85
CA GLN A 535 7.20 -9.37 8.94
C GLN A 535 6.50 -8.10 9.36
N GLN A 536 7.26 -7.01 9.49
CA GLN A 536 6.62 -5.79 9.93
C GLN A 536 5.66 -5.32 8.89
N GLN A 537 5.94 -5.59 7.63
CA GLN A 537 5.01 -5.09 6.60
C GLN A 537 3.69 -5.87 6.63
N MET A 538 3.78 -7.15 6.99
CA MET A 538 2.59 -8.00 7.07
C MET A 538 1.77 -7.57 8.25
N PHE A 539 2.45 -7.23 9.35
CA PHE A 539 1.78 -6.72 10.50
C PHE A 539 1.06 -5.43 10.13
N TYR A 540 1.69 -4.60 9.34
CA TYR A 540 1.03 -3.33 8.94
C TYR A 540 -0.25 -3.55 8.16
N ILE A 541 -0.20 -4.42 7.16
CA ILE A 541 -1.41 -4.70 6.40
C ILE A 541 -2.47 -5.29 7.30
N ASP A 542 -2.03 -6.14 8.21
CA ASP A 542 -2.96 -6.83 9.07
C ASP A 542 -3.66 -5.86 10.01
N GLN A 543 -3.06 -4.70 10.18
CA GLN A 543 -3.58 -3.70 11.14
C GLN A 543 -4.27 -2.55 10.42
N THR A 544 -4.13 -2.44 9.11
CA THR A 544 -4.77 -1.30 8.45
C THR A 544 -5.83 -1.76 7.44
N SER A 545 -5.72 -2.97 6.93
CA SER A 545 -6.73 -3.46 6.00
C SER A 545 -7.86 -4.25 6.67
N ASN A 546 -9.06 -4.14 6.13
CA ASN A 546 -10.14 -4.97 6.57
C ASN A 546 -10.25 -4.92 8.09
N GLN A 547 -10.26 -3.75 8.67
CA GLN A 547 -10.40 -3.62 10.12
C GLN A 547 -11.85 -3.69 10.62
N ASN A 548 -12.40 -4.90 10.72
CA ASN A 548 -13.72 -5.11 11.31
C ASN A 548 -13.62 -5.50 12.78
N PRO A 549 -14.75 -5.46 13.50
CA PRO A 549 -14.77 -5.70 14.95
C PRO A 549 -14.48 -7.14 15.39
N TYR A 550 -14.54 -8.09 14.47
CA TYR A 550 -14.54 -9.47 14.93
C TYR A 550 -13.24 -10.23 14.69
N GLN A 551 -12.82 -10.27 13.42
CA GLN A 551 -11.54 -10.84 13.06
C GLN A 551 -10.87 -9.83 12.13
N PRO A 552 -10.25 -8.76 12.71
CA PRO A 552 -9.71 -7.67 11.91
C PRO A 552 -8.51 -8.20 11.13
N GLY A 553 -8.25 -7.65 9.94
CA GLY A 553 -6.98 -7.92 9.26
C GLY A 553 -7.01 -8.88 8.11
N VAL A 554 -5.86 -9.45 7.82
CA VAL A 554 -5.70 -10.12 6.56
C VAL A 554 -4.72 -11.27 6.67
N LYS A 555 -5.25 -12.49 6.62
CA LYS A 555 -4.43 -13.72 6.68
C LYS A 555 -4.46 -14.42 5.35
N THR A 556 -3.38 -15.12 5.02
CA THR A 556 -3.27 -15.72 3.73
C THR A 556 -2.31 -16.92 3.82
N ALA A 557 -2.49 -17.93 2.96
CA ALA A 557 -1.64 -19.15 3.03
C ALA A 557 -1.32 -19.60 4.47
N THR A 558 -2.35 -19.68 5.30
CA THR A 558 -2.18 -19.93 6.72
C THR A 558 -1.98 -21.39 7.06
N ARG A 559 -2.42 -22.30 6.20
CA ARG A 559 -2.48 -23.66 6.69
C ARG A 559 -1.13 -24.39 6.61
N VAL A 560 -0.48 -24.24 5.44
CA VAL A 560 0.78 -24.93 5.15
C VAL A 560 1.96 -23.95 5.00
N ILE A 561 1.77 -22.93 4.19
CA ILE A 561 2.85 -22.06 3.79
C ILE A 561 3.38 -21.09 4.84
N LYS A 562 2.53 -20.28 5.46
CA LYS A 562 3.00 -19.42 6.52
C LYS A 562 3.68 -20.23 7.61
N PRO A 563 3.03 -21.28 8.10
CA PRO A 563 3.66 -22.03 9.18
C PRO A 563 5.02 -22.62 8.77
N LEU A 564 5.16 -23.02 7.51
CA LEU A 564 6.45 -23.53 7.04
C LEU A 564 7.53 -22.43 7.06
N ILE A 565 7.18 -21.26 6.55
CA ILE A 565 8.11 -20.17 6.56
C ILE A 565 8.48 -19.76 7.96
N ASP A 566 7.50 -19.72 8.85
CA ASP A 566 7.78 -19.25 10.18
C ASP A 566 8.66 -20.22 10.92
N ARG A 567 8.30 -21.50 10.84
CA ARG A 567 9.08 -22.51 11.52
C ARG A 567 10.49 -22.61 10.97
N THR A 568 10.63 -22.50 9.65
CA THR A 568 11.94 -22.54 9.01
C THR A 568 12.79 -21.36 9.48
N PHE A 569 12.18 -20.20 9.66
CA PHE A 569 12.88 -19.03 10.16
C PHE A 569 13.37 -19.24 11.60
N ALA A 570 12.47 -19.64 12.48
CA ALA A 570 12.83 -19.83 13.88
C ALA A 570 13.99 -20.80 13.93
N THR A 571 13.90 -21.83 13.09
CA THR A 571 14.92 -22.88 13.08
C THR A 571 16.29 -22.42 12.56
N VAL A 572 16.32 -21.77 11.41
CA VAL A 572 17.62 -21.46 10.84
C VAL A 572 18.32 -20.41 11.71
N VAL A 573 17.52 -19.57 12.35
CA VAL A 573 18.03 -18.55 13.25
C VAL A 573 18.66 -19.18 14.49
N LYS A 574 17.98 -20.17 15.05
CA LYS A 574 18.52 -20.91 16.15
C LYS A 574 19.86 -21.53 15.75
N PHE A 575 19.98 -22.01 14.51
CA PHE A 575 21.22 -22.67 14.08
C PHE A 575 22.35 -21.68 13.90
N PHE A 576 21.96 -20.47 13.48
CA PHE A 576 22.90 -19.42 13.26
C PHE A 576 23.40 -18.94 14.60
N ASN A 577 22.47 -18.71 15.53
CA ASN A 577 22.79 -18.36 16.90
C ASN A 577 23.73 -19.38 17.56
N GLN A 578 23.62 -20.64 17.17
CA GLN A 578 24.46 -21.66 17.76
C GLN A 578 25.85 -21.60 17.17
N LYS A 579 25.89 -21.56 15.85
CA LYS A 579 27.13 -21.64 15.11
C LYS A 579 28.03 -20.43 15.39
N PHE A 580 27.42 -19.25 15.46
CA PHE A 580 28.17 -18.00 15.58
C PHE A 580 27.99 -17.39 16.94
N ASN A 581 27.56 -18.21 17.90
CA ASN A 581 27.24 -17.71 19.22
C ASN A 581 26.59 -16.33 19.15
N ALA A 582 25.53 -16.19 18.35
CA ALA A 582 24.83 -14.91 18.29
C ALA A 582 23.53 -14.98 19.06
N HIS A 583 22.76 -13.89 19.02
CA HIS A 583 21.56 -13.79 19.82
C HIS A 583 20.46 -13.12 19.02
N LEU A 584 20.36 -13.47 17.73
CA LEU A 584 19.28 -13.01 16.86
C LEU A 584 17.91 -13.38 17.40
N ASP A 585 16.96 -12.49 17.26
CA ASP A 585 15.63 -12.76 17.74
C ASP A 585 14.93 -13.64 16.70
N ALA A 586 14.31 -14.71 17.17
CA ALA A 586 13.71 -15.68 16.26
C ALA A 586 12.18 -15.65 16.19
N THR A 587 11.55 -14.66 16.83
CA THR A 587 10.09 -14.50 16.78
C THR A 587 9.62 -14.29 15.35
N THR A 588 8.41 -14.73 15.05
CA THR A 588 8.00 -14.71 13.67
C THR A 588 6.95 -13.68 13.34
N ASP A 589 6.19 -13.27 14.35
CA ASP A 589 5.23 -12.19 14.18
C ASP A 589 5.78 -10.92 14.80
N TYR A 590 6.02 -9.95 13.94
CA TYR A 590 6.39 -8.61 14.37
C TYR A 590 5.34 -8.13 15.34
N MET A 591 5.82 -7.50 16.40
CA MET A 591 4.98 -7.03 17.47
C MET A 591 5.69 -5.81 18.05
N PRO A 592 5.06 -4.62 17.94
CA PRO A 592 5.79 -3.41 18.33
C PRO A 592 5.83 -3.20 19.84
N HIS A 593 4.98 -3.91 20.57
CA HIS A 593 4.97 -3.78 22.04
C HIS A 593 5.76 -4.91 22.68
N LYS A 594 6.24 -4.67 23.90
CA LYS A 594 7.09 -5.63 24.59
C LYS A 594 6.41 -6.11 25.86
N MET A 595 6.66 -7.35 26.26
CA MET A 595 6.11 -7.82 27.51
C MET A 595 7.15 -8.43 28.46
N ASN A 604 5.41 -15.46 29.05
CA ASN A 604 6.11 -15.98 27.88
C ASN A 604 5.19 -16.25 26.67
N LEU A 605 3.91 -15.89 26.81
CA LEU A 605 2.95 -16.02 25.71
C LEU A 605 3.00 -14.78 24.81
N PRO A 606 2.70 -14.94 23.51
CA PRO A 606 2.79 -13.81 22.57
C PRO A 606 1.74 -12.71 22.81
N LEU A 607 2.18 -11.45 22.85
CA LEU A 607 1.26 -10.32 22.81
C LEU A 607 0.55 -10.31 21.46
N GLN A 608 -0.65 -9.76 21.44
CA GLN A 608 -1.38 -9.52 20.20
C GLN A 608 -1.98 -8.13 20.14
N VAL A 609 -2.20 -7.63 18.93
CA VAL A 609 -2.80 -6.33 18.74
C VAL A 609 -4.03 -6.48 17.85
N LYS A 610 -5.18 -6.12 18.40
CA LYS A 610 -6.46 -6.12 17.67
C LYS A 610 -7.14 -4.77 17.87
N ALA A 611 -7.39 -4.05 16.78
CA ALA A 611 -7.87 -2.70 16.93
C ALA A 611 -7.04 -2.03 18.04
N ASN A 612 -7.69 -1.41 19.00
CA ASN A 612 -6.96 -0.69 20.03
C ASN A 612 -6.82 -1.53 21.28
N ARG A 613 -6.80 -2.85 21.11
CA ARG A 613 -6.53 -3.70 22.26
C ARG A 613 -5.12 -4.26 22.13
N VAL A 614 -4.46 -4.45 23.27
CA VAL A 614 -3.16 -5.08 23.30
C VAL A 614 -3.35 -6.20 24.31
N LEU A 615 -3.24 -7.45 23.89
CA LEU A 615 -3.55 -8.55 24.79
C LEU A 615 -2.51 -9.66 24.84
N ILE A 616 -2.43 -10.30 26.00
CA ILE A 616 -1.67 -11.50 26.15
C ILE A 616 -2.52 -12.67 25.66
N SER A 617 -1.94 -13.53 24.83
CA SER A 617 -2.63 -14.74 24.37
C SER A 617 -3.14 -15.60 25.56
N PRO A 618 -4.43 -15.95 25.53
CA PRO A 618 -5.09 -16.72 26.58
C PRO A 618 -4.21 -17.87 27.08
N VAL A 631 3.92 -10.16 33.78
CA VAL A 631 4.22 -9.29 34.90
C VAL A 631 4.19 -7.84 34.40
N GLU A 632 4.85 -7.57 33.29
CA GLU A 632 4.89 -6.21 32.78
C GLU A 632 4.91 -6.06 31.27
N ILE A 633 3.88 -5.41 30.74
CA ILE A 633 3.82 -5.05 29.34
C ILE A 633 4.40 -3.67 29.18
N GLU A 634 5.07 -3.41 28.06
CA GLU A 634 5.55 -2.08 27.76
C GLU A 634 5.12 -1.72 26.34
N LEU A 635 4.32 -0.66 26.23
CA LEU A 635 3.88 -0.22 24.92
C LEU A 635 4.97 0.58 24.24
N ASP A 636 4.88 0.70 22.93
CA ASP A 636 5.90 1.36 22.16
C ASP A 636 5.79 2.88 22.29
N ALA A 637 4.84 3.33 23.11
CA ALA A 637 4.60 4.75 23.29
C ALA A 637 3.59 4.99 24.39
N ILE A 638 3.37 6.25 24.71
CA ILE A 638 2.38 6.59 25.70
C ILE A 638 1.03 6.75 25.01
N TYR A 639 -0.01 6.11 25.52
CA TYR A 639 -1.35 6.28 24.99
C TYR A 639 -2.26 6.53 26.15
N PRO A 640 -3.38 7.25 25.91
CA PRO A 640 -4.48 7.34 26.88
C PRO A 640 -5.07 5.95 27.13
N GLY A 641 -5.10 5.55 28.41
CA GLY A 641 -5.66 4.27 28.76
C GLY A 641 -7.16 4.32 28.87
N GLU A 642 -7.80 3.24 28.45
CA GLU A 642 -9.25 3.19 28.37
C GLU A 642 -9.77 2.22 29.43
N ASN A 643 -9.29 0.98 29.36
CA ASN A 643 -9.53 0.01 30.41
C ASN A 643 -8.66 -1.24 30.36
N ILE A 644 -8.65 -1.98 31.46
CA ILE A 644 -8.02 -3.28 31.52
C ILE A 644 -9.07 -4.29 31.95
N GLN A 645 -9.22 -5.35 31.17
CA GLN A 645 -10.14 -6.43 31.49
C GLN A 645 -9.32 -7.69 31.67
N ILE A 646 -9.22 -8.15 32.93
CA ILE A 646 -8.49 -9.37 33.23
C ILE A 646 -9.39 -10.49 33.76
N ASN A 647 -9.06 -11.72 33.42
CA ASN A 647 -9.87 -12.86 33.87
C ASN A 647 -9.02 -14.06 34.31
N PHE A 648 -9.30 -14.54 35.51
CA PHE A 648 -8.57 -15.65 36.07
C PHE A 648 -9.46 -16.85 36.31
N GLY A 683 -11.72 0.86 34.46
CA GLY A 683 -11.57 1.89 33.43
C GLY A 683 -10.27 2.61 33.74
N LEU A 684 -9.63 3.18 32.74
CA LEU A 684 -8.43 3.95 33.02
C LEU A 684 -8.66 5.47 32.99
N GLN A 685 -9.90 5.87 32.70
CA GLN A 685 -10.23 7.29 32.67
C GLN A 685 -9.21 8.07 31.82
N LYS A 686 -8.74 7.46 30.74
CA LYS A 686 -7.79 8.10 29.84
C LYS A 686 -6.42 8.44 30.44
N ALA A 687 -6.06 7.85 31.57
CA ALA A 687 -4.74 8.15 32.15
C ALA A 687 -3.62 7.72 31.19
N PRO A 688 -2.58 8.54 31.04
CA PRO A 688 -1.47 8.14 30.17
C PRO A 688 -0.94 6.76 30.55
N VAL A 689 -0.53 5.96 29.57
CA VAL A 689 0.00 4.65 29.88
C VAL A 689 0.98 4.12 28.86
N LYS A 690 2.07 3.54 29.37
CA LYS A 690 3.10 2.93 28.54
C LYS A 690 3.45 1.56 29.08
N PHE A 691 3.51 1.44 30.41
CA PHE A 691 3.79 0.17 31.06
C PHE A 691 2.58 -0.29 31.86
N VAL A 692 2.42 -1.61 31.98
CA VAL A 692 1.36 -2.19 32.81
C VAL A 692 1.88 -3.41 33.57
N ARG A 693 2.21 -3.24 34.85
CA ARG A 693 2.69 -4.35 35.68
C ARG A 693 1.57 -4.93 36.52
N PHE A 694 1.71 -6.21 36.91
CA PHE A 694 0.72 -6.85 37.79
C PHE A 694 1.33 -7.32 39.10
N GLN A 708 -7.95 -14.41 29.59
CA GLN A 708 -8.06 -13.01 29.21
C GLN A 708 -7.09 -12.09 29.95
N PHE A 709 -6.48 -11.18 29.19
CA PHE A 709 -5.61 -10.13 29.75
C PHE A 709 -5.49 -9.00 28.70
N VAL A 710 -6.42 -8.05 28.73
CA VAL A 710 -6.58 -7.08 27.66
C VAL A 710 -6.46 -5.65 28.11
N LEU A 711 -5.52 -4.92 27.53
CA LEU A 711 -5.45 -3.48 27.68
C LEU A 711 -6.11 -2.84 26.48
N THR A 712 -7.06 -1.98 26.73
CA THR A 712 -7.56 -1.13 25.68
C THR A 712 -6.98 0.26 25.91
N ILE A 713 -6.53 0.89 24.81
CA ILE A 713 -6.01 2.25 24.81
C ILE A 713 -6.75 3.04 23.76
N GLU A 714 -6.55 4.35 23.80
CA GLU A 714 -7.12 5.23 22.80
C GLU A 714 -6.15 5.34 21.65
N LYS A 715 -6.56 4.90 20.48
CA LYS A 715 -5.63 4.87 19.39
C LYS A 715 -5.98 5.78 18.21
N LEU B 5 35.11 13.31 11.85
CA LEU B 5 34.94 14.80 12.09
C LEU B 5 34.38 15.56 10.88
N GLN B 6 33.20 16.17 11.04
CA GLN B 6 32.59 16.92 9.93
C GLN B 6 31.83 18.15 10.42
N PRO B 7 32.13 19.31 9.84
CA PRO B 7 33.18 19.41 8.81
C PRO B 7 34.57 19.15 9.40
N PRO B 8 35.55 18.81 8.56
CA PRO B 8 36.90 18.58 9.09
C PRO B 8 37.64 19.87 9.52
N PRO B 9 38.33 19.84 10.68
CA PRO B 9 39.07 21.03 11.17
C PRO B 9 40.10 21.55 10.16
N GLN B 10 40.38 22.86 10.18
CA GLN B 10 41.49 23.41 9.38
C GLN B 10 42.78 22.77 9.79
N GLN B 11 42.95 22.56 11.09
CA GLN B 11 44.16 21.97 11.57
C GLN B 11 43.82 21.02 12.68
N LEU B 12 44.46 19.95 12.67
CA LEU B 12 44.24 18.91 13.63
C LEU B 12 45.56 18.23 13.83
N ILE B 13 45.82 17.96 15.09
CA ILE B 13 46.91 17.07 15.47
C ILE B 13 46.40 15.96 16.41
N VAL B 14 46.67 14.70 16.06
CA VAL B 14 46.24 13.55 16.87
C VAL B 14 47.40 12.92 17.67
N GLN B 15 47.10 12.11 18.68
CA GLN B 15 48.15 11.65 19.60
C GLN B 15 48.22 10.14 19.83
N ASN B 16 47.15 9.41 19.55
CA ASN B 16 47.16 7.94 19.75
C ASN B 16 47.05 7.48 21.20
N LYS B 17 47.12 8.44 22.12
CA LYS B 17 46.73 8.18 23.51
C LYS B 17 45.25 8.54 23.64
N THR B 18 44.52 7.84 24.51
CA THR B 18 43.14 8.25 24.80
C THR B 18 42.94 8.46 26.30
N ILE B 19 42.08 9.40 26.63
CA ILE B 19 41.79 9.72 28.00
C ILE B 19 40.32 9.58 28.15
N ASP B 20 39.89 9.26 29.34
CA ASP B 20 38.50 9.08 29.60
C ASP B 20 37.84 10.40 29.78
N LEU B 21 36.60 10.50 29.36
CA LEU B 21 35.82 11.62 29.74
C LEU B 21 35.79 11.54 31.24
N PRO B 22 36.30 12.59 31.87
CA PRO B 22 36.62 12.59 33.29
C PRO B 22 35.51 12.25 34.26
N ALA B 23 35.75 11.23 35.07
CA ALA B 23 34.86 10.83 36.15
C ALA B 23 34.59 12.00 37.09
N VAL B 24 35.64 12.76 37.40
CA VAL B 24 35.48 13.91 38.28
C VAL B 24 36.17 15.10 37.61
N TYR B 25 35.41 16.16 37.40
CA TYR B 25 35.87 17.32 36.63
C TYR B 25 35.77 18.68 37.28
N GLN B 26 36.54 19.62 36.76
CA GLN B 26 36.44 20.97 37.22
C GLN B 26 36.27 21.93 36.09
N LEU B 27 35.14 22.57 36.10
CA LEU B 27 34.74 23.48 35.03
C LEU B 27 35.12 24.92 35.32
N ASN B 28 35.95 25.48 34.45
CA ASN B 28 36.36 26.85 34.57
C ASN B 28 35.76 27.64 33.39
N GLY B 29 34.94 28.62 33.66
CA GLY B 29 34.36 29.40 32.61
C GLY B 29 32.88 29.25 32.38
N GLY B 30 32.26 28.34 33.07
CA GLY B 30 30.85 28.10 32.92
C GLY B 30 29.98 29.33 32.88
N GLU B 31 30.33 30.36 33.61
CA GLU B 31 29.45 31.49 33.67
C GLU B 31 29.82 32.64 32.81
N GLU B 32 30.91 32.54 32.06
CA GLU B 32 31.30 33.65 31.21
C GLU B 32 31.33 33.29 29.75
N ALA B 33 31.28 31.99 29.49
CA ALA B 33 31.26 31.45 28.13
C ALA B 33 29.86 31.43 27.52
N ASN B 34 29.80 31.24 26.21
CA ASN B 34 28.53 31.14 25.51
C ASN B 34 27.58 30.17 26.24
N PRO B 35 26.47 30.68 26.81
CA PRO B 35 25.48 29.78 27.41
C PRO B 35 25.08 28.61 26.49
N HIS B 36 25.03 28.83 25.18
CA HIS B 36 24.65 27.74 24.25
C HIS B 36 25.73 26.67 24.21
N ALA B 37 27.00 27.06 24.28
CA ALA B 37 28.08 26.08 24.32
C ALA B 37 28.15 25.38 25.67
N VAL B 38 27.80 26.09 26.73
CA VAL B 38 27.87 25.54 28.09
C VAL B 38 26.79 24.51 28.33
N LYS B 39 25.65 24.71 27.66
CA LYS B 39 24.52 23.79 27.73
C LYS B 39 24.86 22.46 27.02
N VAL B 40 25.31 22.54 25.77
CA VAL B 40 25.84 21.35 25.12
C VAL B 40 26.86 20.62 26.03
N LEU B 41 27.75 21.39 26.64
CA LEU B 41 28.83 20.78 27.39
C LEU B 41 28.30 20.05 28.61
N LYS B 42 27.39 20.68 29.34
CA LYS B 42 26.87 20.07 30.57
C LYS B 42 26.12 18.79 30.29
N GLU B 43 25.35 18.80 29.20
CA GLU B 43 24.62 17.63 28.76
C GLU B 43 25.59 16.49 28.47
N LEU B 44 26.77 16.84 28.00
CA LEU B 44 27.76 15.82 27.68
C LEU B 44 28.45 15.26 28.93
N LEU B 45 28.19 15.84 30.10
CA LEU B 45 28.81 15.32 31.33
C LEU B 45 28.04 15.65 32.61
N GLY B 54 39.18 18.18 40.83
CA GLY B 54 39.02 17.30 39.68
C GLY B 54 39.62 17.89 38.41
N MET B 55 39.78 17.06 37.38
CA MET B 55 40.37 17.49 36.09
C MET B 55 39.79 18.78 35.51
N LEU B 56 40.64 19.57 34.85
CA LEU B 56 40.27 20.91 34.40
C LEU B 56 39.65 20.96 32.99
N ILE B 57 38.50 21.62 32.88
CA ILE B 57 37.93 21.94 31.57
C ILE B 57 37.70 23.45 31.50
N SER B 58 38.34 24.08 30.51
CA SER B 58 38.28 25.54 30.40
C SER B 58 37.45 25.94 29.19
N ILE B 59 36.46 26.79 29.42
CA ILE B 59 35.53 27.12 28.38
C ILE B 59 35.23 28.60 28.39
N GLY B 60 35.42 29.25 27.26
CA GLY B 60 35.14 30.66 27.11
C GLY B 60 35.55 31.24 25.78
N GLU B 61 35.20 32.48 25.57
CA GLU B 61 35.62 33.21 24.40
C GLU B 61 36.87 34.06 24.70
N LYS B 62 37.65 34.35 23.69
CA LYS B 62 38.75 35.25 23.78
C LYS B 62 38.32 36.47 24.55
N GLY B 63 39.01 36.77 25.62
CA GLY B 63 38.63 37.88 26.48
C GLY B 63 38.08 37.38 27.80
N ASP B 64 37.43 36.23 27.79
CA ASP B 64 37.03 35.62 29.05
C ASP B 64 38.28 35.30 29.88
N LYS B 65 38.13 35.35 31.19
CA LYS B 65 39.20 34.98 32.13
C LYS B 65 39.64 33.50 32.00
N SER B 66 38.64 32.63 31.85
CA SER B 66 38.88 31.20 31.77
C SER B 66 39.91 30.81 30.71
N VAL B 67 39.96 31.56 29.61
CA VAL B 67 40.80 31.16 28.49
C VAL B 67 41.94 32.13 28.19
N ARG B 68 42.19 33.09 29.07
CA ARG B 68 43.26 34.08 28.83
C ARG B 68 44.56 33.42 28.40
N LYS B 69 44.85 32.27 28.98
CA LYS B 69 46.13 31.60 28.80
C LYS B 69 46.30 31.08 27.37
N TYR B 70 45.19 30.89 26.67
CA TYR B 70 45.22 30.30 25.33
C TYR B 70 44.96 31.30 24.22
N SER B 71 44.77 32.55 24.58
CA SER B 71 44.44 33.58 23.60
C SER B 71 45.33 33.50 22.35
N ARG B 72 46.56 33.03 22.49
CA ARG B 72 47.40 32.91 21.31
C ARG B 72 46.99 31.75 20.43
N GLN B 73 46.49 30.70 21.04
CA GLN B 73 46.09 29.51 20.32
C GLN B 73 44.81 29.67 19.51
N ILE B 74 43.96 30.60 19.92
CA ILE B 74 42.65 30.84 19.33
C ILE B 74 42.76 31.56 17.98
N PRO B 75 42.30 30.90 16.88
CA PRO B 75 42.47 31.53 15.57
C PRO B 75 41.77 32.87 15.49
N ASP B 76 42.42 33.82 14.85
CA ASP B 76 41.84 35.12 14.74
C ASP B 76 41.02 35.14 13.46
N HIS B 77 39.85 34.53 13.55
CA HIS B 77 38.87 34.43 12.49
C HIS B 77 37.56 34.43 13.23
N LYS B 78 36.57 35.15 12.73
CA LYS B 78 35.25 34.97 13.31
C LYS B 78 34.88 33.46 13.26
N GLU B 79 34.32 32.96 14.37
CA GLU B 79 33.81 31.60 14.45
C GLU B 79 34.92 30.57 14.60
N GLY B 80 36.15 31.06 14.73
CA GLY B 80 37.25 30.19 15.10
C GLY B 80 37.19 29.69 16.52
N TYR B 81 37.98 28.67 16.79
CA TYR B 81 38.09 28.12 18.13
C TYR B 81 39.35 27.30 18.20
N TYR B 82 39.79 27.07 19.43
CA TYR B 82 40.91 26.24 19.71
C TYR B 82 40.32 25.22 20.62
N LEU B 83 40.65 23.96 20.38
CA LEU B 83 40.19 22.86 21.19
C LEU B 83 41.40 22.00 21.47
N SER B 84 41.46 21.49 22.70
CA SER B 84 42.58 20.70 23.15
C SER B 84 42.10 19.68 24.17
N VAL B 85 42.54 18.44 23.99
CA VAL B 85 42.32 17.37 24.97
C VAL B 85 43.66 16.67 25.31
N ASN B 86 44.01 16.66 26.59
CA ASN B 86 45.16 15.89 27.09
C ASN B 86 44.91 15.37 28.50
N GLU B 87 45.88 14.71 29.07
CA GLU B 87 45.69 14.03 30.33
C GLU B 87 45.28 14.94 31.46
N LYS B 88 45.77 16.16 31.46
CA LYS B 88 45.57 17.04 32.57
C LYS B 88 44.46 18.01 32.35
N GLU B 89 44.25 18.43 31.11
CA GLU B 89 43.18 19.39 30.83
C GLU B 89 42.44 19.37 29.48
N ILE B 90 41.25 19.95 29.48
CA ILE B 90 40.49 20.13 28.26
C ILE B 90 40.21 21.62 28.02
N VAL B 91 40.46 22.06 26.78
CA VAL B 91 40.28 23.44 26.41
C VAL B 91 39.24 23.63 25.31
N LEU B 92 38.30 24.49 25.59
CA LEU B 92 37.25 24.81 24.65
C LEU B 92 37.14 26.32 24.52
N ALA B 93 37.88 26.87 23.57
CA ALA B 93 38.06 28.31 23.48
C ALA B 93 37.68 28.91 22.12
N GLY B 94 36.62 29.70 22.12
CA GLY B 94 36.16 30.37 20.93
C GLY B 94 36.79 31.74 20.73
N ASN B 95 36.93 32.15 19.48
CA ASN B 95 37.34 33.51 19.19
C ASN B 95 36.17 34.42 19.55
N ASP B 96 34.98 33.87 19.41
CA ASP B 96 33.76 34.56 19.75
C ASP B 96 32.79 33.48 20.24
N GLU B 97 31.57 33.89 20.59
CA GLU B 97 30.64 32.94 21.20
C GLU B 97 30.27 31.83 20.20
N ARG B 98 30.10 32.21 18.94
CA ARG B 98 29.73 31.21 17.96
C ARG B 98 30.89 30.20 17.85
N GLY B 99 32.11 30.71 17.85
CA GLY B 99 33.26 29.83 17.84
C GLY B 99 33.24 28.87 19.02
N THR B 100 32.82 29.34 20.19
CA THR B 100 32.87 28.46 21.35
C THR B 100 31.87 27.32 21.17
N TYR B 101 30.70 27.67 20.69
CA TYR B 101 29.70 26.68 20.32
C TYR B 101 30.28 25.71 19.26
N TYR B 102 30.95 26.24 18.26
CA TYR B 102 31.51 25.36 17.24
C TYR B 102 32.54 24.37 17.82
N ALA B 103 33.31 24.83 18.81
CA ALA B 103 34.25 23.99 19.52
C ALA B 103 33.49 22.85 20.18
N LEU B 104 32.31 23.16 20.70
CA LEU B 104 31.46 22.19 21.35
C LEU B 104 30.89 21.14 20.38
N GLN B 105 30.68 21.53 19.12
CA GLN B 105 30.09 20.61 18.18
C GLN B 105 31.17 19.63 17.72
N THR B 106 32.40 20.09 17.67
CA THR B 106 33.49 19.24 17.29
C THR B 106 33.80 18.33 18.46
N PHE B 107 33.71 18.87 19.67
CA PHE B 107 34.00 18.09 20.84
C PHE B 107 33.05 16.89 20.91
N ALA B 108 31.78 17.12 20.64
CA ALA B 108 30.79 16.05 20.77
C ALA B 108 31.02 14.89 19.79
N GLN B 109 31.70 15.15 18.67
CA GLN B 109 32.01 14.09 17.71
C GLN B 109 33.27 13.32 18.09
N LEU B 110 34.15 13.90 18.89
CA LEU B 110 35.39 13.23 19.28
C LEU B 110 35.09 12.17 20.31
N LEU B 111 34.05 12.45 21.10
CA LEU B 111 33.64 11.63 22.23
C LEU B 111 32.95 10.38 21.80
N LYS B 112 33.71 9.31 21.58
CA LYS B 112 33.18 7.98 21.33
C LYS B 112 33.30 7.04 22.55
N ASP B 113 32.21 6.43 22.95
CA ASP B 113 32.20 5.44 24.03
C ASP B 113 32.72 5.93 25.35
N GLY B 114 32.36 7.15 25.70
CA GLY B 114 32.77 7.74 26.94
C GLY B 114 34.22 8.07 26.90
N LYS B 115 34.78 8.00 25.74
CA LYS B 115 36.18 8.26 25.62
C LYS B 115 36.46 9.39 24.66
N LEU B 116 37.69 9.85 24.75
CA LEU B 116 38.20 10.98 23.99
C LEU B 116 39.62 10.79 23.59
N PRO B 117 39.97 11.22 22.40
CA PRO B 117 41.32 11.17 21.93
C PRO B 117 42.13 12.35 22.39
N GLU B 118 43.42 12.20 22.42
CA GLU B 118 44.30 13.29 22.68
C GLU B 118 44.46 14.06 21.38
N VAL B 119 43.99 15.31 21.35
CA VAL B 119 44.07 16.14 20.17
C VAL B 119 44.27 17.62 20.39
N GLU B 120 44.76 18.26 19.36
CA GLU B 120 44.86 19.67 19.29
C GLU B 120 44.18 20.08 18.02
N ILE B 121 43.26 21.00 18.12
CA ILE B 121 42.54 21.44 16.96
C ILE B 121 42.49 22.93 16.87
N LYS B 122 42.88 23.46 15.73
CA LYS B 122 42.65 24.89 15.46
C LYS B 122 41.77 24.99 14.22
N ASP B 123 40.61 25.63 14.37
CA ASP B 123 39.57 25.51 13.39
C ASP B 123 38.86 26.83 13.14
N TYR B 124 38.15 26.92 12.02
CA TYR B 124 37.44 28.13 11.69
C TYR B 124 36.87 27.87 10.31
N PRO B 125 35.92 28.68 9.86
CA PRO B 125 35.30 28.50 8.55
C PRO B 125 36.02 29.24 7.43
N SER B 126 36.10 28.65 6.24
CA SER B 126 36.77 29.33 5.12
C SER B 126 35.81 30.23 4.36
N VAL B 127 34.50 29.97 4.52
CA VAL B 127 33.44 30.82 3.98
C VAL B 127 32.65 31.43 5.16
N ARG B 128 32.44 32.75 5.15
CA ARG B 128 31.78 33.45 6.27
C ARG B 128 30.31 33.03 6.53
N TYR B 129 29.46 33.07 5.51
CA TYR B 129 28.07 32.63 5.67
C TYR B 129 27.84 31.28 5.01
N ARG B 130 27.25 30.35 5.75
CA ARG B 130 27.16 28.95 5.33
C ARG B 130 25.81 28.41 5.76
N GLY B 131 25.02 27.94 4.81
CA GLY B 131 23.78 27.28 5.21
C GLY B 131 22.75 26.99 4.13
N VAL B 132 21.50 27.17 4.51
CA VAL B 132 20.40 26.83 3.65
C VAL B 132 19.51 28.01 3.30
N VAL B 133 19.10 28.08 2.04
CA VAL B 133 17.98 28.92 1.68
C VAL B 133 16.70 28.10 1.31
N GLU B 134 15.69 28.14 2.16
CA GLU B 134 14.42 27.54 1.81
C GLU B 134 13.73 28.51 0.86
N GLY B 135 14.06 28.42 -0.43
CA GLY B 135 13.52 29.38 -1.43
C GLY B 135 12.95 28.68 -2.66
N PHE B 136 12.52 27.43 -2.50
CA PHE B 136 12.00 26.64 -3.61
C PHE B 136 10.52 26.94 -3.82
N TYR B 137 10.02 26.66 -5.02
CA TYR B 137 8.58 26.51 -5.30
C TYR B 137 8.08 25.16 -4.83
N GLY B 138 6.86 25.10 -4.26
CA GLY B 138 6.29 23.83 -3.79
C GLY B 138 5.80 23.95 -2.36
N THR B 139 5.26 22.88 -1.80
CA THR B 139 4.82 22.94 -0.42
C THR B 139 5.99 23.32 0.47
N PRO B 140 5.86 24.44 1.20
CA PRO B 140 6.92 24.87 2.12
C PRO B 140 7.17 23.85 3.24
N TRP B 141 8.36 23.89 3.80
CA TRP B 141 8.70 22.97 4.86
C TRP B 141 7.69 23.09 6.00
N SER B 142 7.26 21.96 6.56
CA SER B 142 6.46 22.00 7.77
C SER B 142 7.22 22.65 8.92
N HIS B 143 6.48 23.08 9.92
CA HIS B 143 7.05 23.77 11.04
C HIS B 143 7.97 22.78 11.71
N GLN B 144 7.52 21.54 11.89
CA GLN B 144 8.36 20.56 12.60
C GLN B 144 9.66 20.31 11.83
N ALA B 145 9.55 20.26 10.50
CA ALA B 145 10.71 20.04 9.67
C ALA B 145 11.73 21.13 9.88
N ARG B 146 11.27 22.37 10.04
CA ARG B 146 12.20 23.47 10.27
C ARG B 146 12.81 23.38 11.70
N LEU B 147 12.05 23.01 12.74
CA LEU B 147 12.71 22.88 14.04
C LEU B 147 13.88 21.90 13.94
N SER B 148 13.68 20.80 13.24
CA SER B 148 14.72 19.79 13.08
C SER B 148 15.91 20.28 12.23
N GLN B 149 15.62 21.01 11.16
CA GLN B 149 16.66 21.56 10.29
C GLN B 149 17.67 22.40 11.11
N LEU B 150 17.14 23.21 12.01
CA LEU B 150 17.97 24.07 12.85
C LEU B 150 18.97 23.25 13.66
N LYS B 151 18.45 22.37 14.51
CA LYS B 151 19.29 21.52 15.34
C LYS B 151 20.31 20.76 14.50
N PHE B 152 20.08 20.72 13.20
CA PHE B 152 20.98 20.03 12.29
C PHE B 152 22.02 21.02 11.73
N TYR B 153 21.59 22.27 11.48
CA TYR B 153 22.53 23.33 11.08
C TYR B 153 23.57 23.63 12.14
N GLY B 154 23.13 23.82 13.38
CA GLY B 154 24.03 24.02 14.52
C GLY B 154 25.08 22.93 14.65
N LYS B 155 24.69 21.67 14.49
CA LYS B 155 25.64 20.56 14.71
C LYS B 155 26.70 20.54 13.64
N ASN B 156 26.34 21.08 12.49
CA ASN B 156 27.20 21.08 11.31
C ASN B 156 27.77 22.46 11.04
N LYS B 157 27.66 23.36 12.01
CA LYS B 157 28.33 24.64 11.89
C LYS B 157 27.84 25.42 10.68
N MET B 158 26.57 25.26 10.32
CA MET B 158 25.96 26.18 9.38
C MET B 158 25.33 27.35 10.15
N ASN B 159 25.65 28.58 9.75
CA ASN B 159 25.26 29.76 10.54
C ASN B 159 24.08 30.55 9.95
N THR B 160 23.56 30.07 8.82
CA THR B 160 22.57 30.82 8.05
C THR B 160 21.40 29.98 7.64
N TYR B 161 20.21 30.44 7.97
CA TYR B 161 18.97 29.90 7.42
C TYR B 161 18.21 31.05 6.77
N ILE B 162 18.08 31.06 5.46
CA ILE B 162 17.30 32.11 4.81
C ILE B 162 15.93 31.59 4.45
N TYR B 163 14.93 32.07 5.19
CA TYR B 163 13.55 31.66 5.02
C TYR B 163 12.91 32.44 3.88
N GLY B 164 12.57 31.75 2.79
CA GLY B 164 11.93 32.41 1.65
C GLY B 164 11.22 31.43 0.71
N PRO B 165 10.25 30.64 1.24
CA PRO B 165 9.49 29.70 0.42
C PRO B 165 8.69 30.42 -0.65
N LYS B 166 9.00 30.13 -1.90
CA LYS B 166 8.32 30.82 -2.98
C LYS B 166 6.80 30.89 -2.75
N ASP B 167 6.20 29.83 -2.20
CA ASP B 167 4.76 29.78 -2.15
C ASP B 167 4.09 30.29 -0.86
N ASP B 168 4.89 30.76 0.10
CA ASP B 168 4.35 31.44 1.28
C ASP B 168 3.82 32.82 0.90
N PRO B 169 2.50 33.04 1.03
CA PRO B 169 1.95 34.32 0.56
C PRO B 169 2.35 35.55 1.37
N TYR B 170 2.89 35.34 2.58
CA TYR B 170 3.36 36.45 3.41
C TYR B 170 4.82 36.77 3.06
N HIS B 171 5.46 35.92 2.25
CA HIS B 171 6.81 36.15 1.71
C HIS B 171 6.78 36.77 0.31
N SER B 172 5.82 36.35 -0.52
CA SER B 172 5.78 36.81 -1.91
C SER B 172 4.47 37.50 -2.19
N ALA B 173 4.11 37.71 -3.45
CA ALA B 173 2.98 38.61 -3.71
C ALA B 173 1.67 37.80 -3.70
N PRO B 174 0.53 38.40 -3.27
CA PRO B 174 0.36 39.79 -2.85
C PRO B 174 0.61 40.05 -1.37
N ASN B 175 0.47 39.05 -0.51
CA ASN B 175 0.55 39.40 0.91
C ASN B 175 1.92 39.65 1.53
N TRP B 176 2.94 39.95 0.73
CA TRP B 176 4.24 40.31 1.34
C TRP B 176 4.10 41.53 2.23
N ARG B 177 3.12 42.36 1.87
CA ARG B 177 2.72 43.53 2.63
C ARG B 177 2.05 43.21 3.98
N LEU B 178 1.59 42.00 4.20
CA LEU B 178 0.79 41.74 5.40
C LEU B 178 1.66 41.19 6.48
N PRO B 179 1.42 41.55 7.73
CA PRO B 179 2.10 40.76 8.75
C PRO B 179 1.52 39.35 8.82
N TYR B 180 2.33 38.38 9.22
CA TYR B 180 1.86 36.99 9.38
C TYR B 180 0.71 36.98 10.37
N PRO B 181 -0.24 36.07 10.20
CA PRO B 181 -1.27 35.87 11.21
C PRO B 181 -0.69 35.26 12.52
N ASP B 182 -1.43 35.39 13.60
CA ASP B 182 -0.91 35.05 14.92
C ASP B 182 -0.25 33.69 15.00
N LYS B 183 -0.88 32.70 14.39
CA LYS B 183 -0.36 31.37 14.45
C LYS B 183 1.00 31.26 13.76
N GLU B 184 1.07 31.72 12.51
CA GLU B 184 2.30 31.71 11.76
C GLU B 184 3.36 32.53 12.49
N ALA B 185 2.94 33.68 12.99
CA ALA B 185 3.80 34.60 13.70
C ALA B 185 4.43 33.94 14.92
N ALA B 186 3.60 33.29 15.77
CA ALA B 186 4.12 32.54 16.91
C ALA B 186 5.09 31.42 16.50
N GLN B 187 4.84 30.69 15.40
CA GLN B 187 5.74 29.67 14.89
C GLN B 187 7.09 30.26 14.42
N LEU B 188 7.03 31.37 13.63
CA LEU B 188 8.24 32.03 13.20
C LEU B 188 9.08 32.50 14.41
N GLN B 189 8.38 32.99 15.43
CA GLN B 189 8.99 33.42 16.67
C GLN B 189 9.73 32.24 17.29
N GLU B 190 9.07 31.09 17.35
CA GLU B 190 9.73 29.90 17.85
C GLU B 190 10.91 29.52 16.95
N LEU B 191 10.77 29.62 15.63
CA LEU B 191 11.92 29.28 14.82
C LEU B 191 13.09 30.20 15.16
N VAL B 192 12.87 31.52 15.21
CA VAL B 192 13.96 32.44 15.54
C VAL B 192 14.66 32.06 16.83
N ALA B 193 13.90 31.83 17.88
CA ALA B 193 14.47 31.40 19.17
C ALA B 193 15.27 30.08 19.11
N VAL B 194 14.77 29.07 18.37
CA VAL B 194 15.50 27.79 18.24
C VAL B 194 16.74 28.04 17.40
N ALA B 195 16.63 28.92 16.42
CA ALA B 195 17.79 29.28 15.63
C ALA B 195 18.85 29.88 16.54
N ASN B 196 18.49 30.87 17.34
CA ASN B 196 19.49 31.52 18.18
C ASN B 196 20.20 30.50 19.04
N GLU B 197 19.47 29.54 19.55
CA GLU B 197 20.07 28.53 20.44
C GLU B 197 21.06 27.62 19.72
N ASN B 198 20.89 27.52 18.40
CA ASN B 198 21.76 26.64 17.64
C ASN B 198 22.78 27.45 16.91
N GLU B 199 22.81 28.75 17.24
CA GLU B 199 23.81 29.65 16.71
C GLU B 199 23.65 29.85 15.23
N VAL B 200 22.39 29.75 14.77
CA VAL B 200 22.06 30.03 13.37
C VAL B 200 21.43 31.42 13.20
N ASP B 201 21.85 32.16 12.16
CA ASP B 201 21.23 33.43 11.80
C ASP B 201 19.94 33.21 11.06
N PHE B 202 18.80 33.56 11.65
CA PHE B 202 17.57 33.36 10.92
C PHE B 202 17.37 34.55 10.02
N VAL B 203 17.50 34.35 8.71
CA VAL B 203 17.33 35.43 7.74
C VAL B 203 15.96 35.43 7.09
N TRP B 204 15.18 36.48 7.34
CA TRP B 204 13.87 36.54 6.72
C TRP B 204 13.83 37.27 5.35
N ALA B 205 13.51 36.54 4.30
CA ALA B 205 13.50 37.13 2.98
C ALA B 205 12.10 37.59 2.67
N ILE B 206 12.03 38.56 1.78
CA ILE B 206 10.77 39.01 1.26
C ILE B 206 10.98 39.05 -0.23
N HIS B 207 9.89 38.84 -0.97
CA HIS B 207 9.95 38.67 -2.40
C HIS B 207 8.83 39.54 -3.03
N PRO B 208 9.10 40.85 -3.15
CA PRO B 208 8.04 41.80 -3.47
C PRO B 208 7.99 42.27 -4.95
N GLY B 209 8.94 41.83 -5.76
CA GLY B 209 9.15 42.46 -7.06
C GLY B 209 8.04 42.36 -8.09
N GLN B 210 7.17 41.37 -7.99
CA GLN B 210 6.21 41.17 -9.08
C GLN B 210 5.15 42.28 -9.13
N ASP B 211 4.84 42.88 -7.99
CA ASP B 211 3.79 43.91 -7.95
C ASP B 211 4.18 45.14 -7.14
N ILE B 212 5.44 45.22 -6.72
CA ILE B 212 5.92 46.40 -6.03
C ILE B 212 5.72 47.66 -6.88
N LYS B 213 5.30 48.74 -6.23
CA LYS B 213 5.22 50.04 -6.89
C LYS B 213 6.43 50.79 -6.33
N TRP B 214 7.17 51.48 -7.19
CA TRP B 214 8.27 52.31 -6.74
C TRP B 214 7.74 53.66 -6.23
N ASN B 215 7.03 53.61 -5.11
CA ASN B 215 6.45 54.79 -4.50
C ASN B 215 6.65 54.73 -2.97
N LYS B 216 6.35 55.82 -2.30
CA LYS B 216 6.54 55.87 -0.86
C LYS B 216 5.77 54.75 -0.17
N GLU B 217 4.54 54.51 -0.61
CA GLU B 217 3.66 53.58 0.09
C GLU B 217 4.23 52.16 0.22
N ASP B 218 4.70 51.59 -0.88
CA ASP B 218 5.17 50.22 -0.83
C ASP B 218 6.48 50.13 -0.04
N ARG B 219 7.31 51.15 -0.20
CA ARG B 219 8.56 51.24 0.53
C ARG B 219 8.26 51.16 2.05
N ASP B 220 7.38 52.03 2.53
CA ASP B 220 7.01 52.06 3.93
C ASP B 220 6.41 50.73 4.36
N LEU B 221 5.61 50.13 3.47
CA LEU B 221 5.02 48.83 3.76
C LEU B 221 6.08 47.73 3.88
N LEU B 222 7.07 47.75 3.02
CA LEU B 222 8.13 46.76 3.16
C LEU B 222 8.83 46.97 4.51
N LEU B 223 9.18 48.21 4.79
CA LEU B 223 9.81 48.52 6.06
C LEU B 223 8.94 48.12 7.25
N ALA B 224 7.66 48.47 7.22
CA ALA B 224 6.79 48.11 8.36
C ALA B 224 6.74 46.60 8.50
N LYS B 225 6.78 45.91 7.38
CA LYS B 225 6.81 44.45 7.42
C LYS B 225 8.08 43.94 8.10
N PHE B 226 9.24 44.47 7.68
CA PHE B 226 10.52 44.11 8.30
C PHE B 226 10.49 44.40 9.80
N GLU B 227 9.88 45.53 10.16
CA GLU B 227 9.77 45.89 11.58
C GLU B 227 9.02 44.83 12.38
N LYS B 228 7.84 44.43 11.88
CA LYS B 228 7.09 43.33 12.49
C LYS B 228 7.94 42.07 12.64
N MET B 229 8.70 41.71 11.60
CA MET B 229 9.54 40.52 11.76
C MET B 229 10.60 40.73 12.84
N TYR B 230 11.10 41.97 12.94
CA TYR B 230 12.05 42.35 13.99
C TYR B 230 11.41 42.13 15.37
N GLN B 231 10.14 42.50 15.52
CA GLN B 231 9.50 42.29 16.83
C GLN B 231 9.39 40.80 17.16
N LEU B 232 9.28 39.98 16.12
CA LEU B 232 9.28 38.53 16.29
C LEU B 232 10.67 37.97 16.67
N GLY B 233 11.71 38.79 16.52
CA GLY B 233 13.08 38.39 16.92
C GLY B 233 14.04 38.27 15.75
N VAL B 234 13.58 38.54 14.53
CA VAL B 234 14.40 38.35 13.36
C VAL B 234 15.49 39.42 13.31
N ARG B 235 16.72 39.02 12.99
CA ARG B 235 17.85 39.96 13.04
C ARG B 235 18.66 40.01 11.74
N SER B 236 18.23 39.29 10.71
CA SER B 236 18.87 39.37 9.40
C SER B 236 17.75 39.31 8.38
N PHE B 237 17.99 39.88 7.21
CA PHE B 237 16.91 40.21 6.32
C PHE B 237 17.35 40.07 4.86
N ALA B 238 16.44 39.72 3.96
CA ALA B 238 16.82 39.72 2.56
C ALA B 238 15.69 40.19 1.70
N VAL B 239 16.03 40.68 0.52
CA VAL B 239 15.01 41.06 -0.43
C VAL B 239 15.28 40.37 -1.76
N PHE B 240 14.33 39.57 -2.26
CA PHE B 240 14.60 38.77 -3.46
C PHE B 240 13.95 39.38 -4.69
N PHE B 241 14.72 39.53 -5.76
CA PHE B 241 14.12 39.97 -7.03
C PHE B 241 14.20 38.94 -8.15
N ASP B 242 14.27 37.66 -7.75
CA ASP B 242 14.38 36.53 -8.68
C ASP B 242 13.01 36.16 -9.27
N ASP B 243 13.07 35.67 -10.52
CA ASP B 243 11.91 35.16 -11.25
C ASP B 243 10.78 36.14 -11.39
N ILE B 244 11.06 37.40 -11.73
CA ILE B 244 9.99 38.38 -11.88
C ILE B 244 10.16 39.13 -13.19
N SER B 245 9.11 39.83 -13.60
CA SER B 245 9.19 40.73 -14.76
C SER B 245 8.52 42.05 -14.40
N GLY B 246 8.60 43.00 -15.31
CA GLY B 246 7.97 44.28 -15.10
C GLY B 246 8.90 45.27 -14.44
N GLU B 247 8.29 46.31 -13.92
CA GLU B 247 8.97 47.42 -13.29
C GLU B 247 9.86 47.00 -12.11
N GLY B 248 9.49 45.91 -11.44
CA GLY B 248 10.24 45.39 -10.29
C GLY B 248 11.69 45.06 -10.60
N THR B 249 12.03 45.00 -11.90
CA THR B 249 13.34 44.57 -12.40
C THR B 249 14.32 45.71 -12.53
N ASN B 250 13.87 46.93 -12.21
CA ASN B 250 14.72 48.12 -12.28
C ASN B 250 15.85 48.10 -11.27
N PRO B 251 17.10 47.97 -11.76
CA PRO B 251 18.29 47.80 -10.91
C PRO B 251 18.54 49.04 -10.05
N GLN B 252 18.41 50.22 -10.61
CA GLN B 252 18.50 51.45 -9.86
C GLN B 252 17.48 51.50 -8.72
N LYS B 253 16.23 51.20 -8.99
CA LYS B 253 15.20 51.27 -7.95
C LYS B 253 15.43 50.18 -6.91
N GLN B 254 15.97 49.03 -7.32
CA GLN B 254 16.31 47.98 -6.38
C GLN B 254 17.43 48.39 -5.43
N ALA B 255 18.51 48.92 -6.00
CA ALA B 255 19.63 49.37 -5.19
C ALA B 255 19.19 50.46 -4.19
N GLU B 256 18.44 51.45 -4.69
CA GLU B 256 17.88 52.48 -3.80
C GLU B 256 17.01 51.90 -2.69
N LEU B 257 16.24 50.88 -3.00
CA LEU B 257 15.32 50.36 -1.99
C LEU B 257 16.15 49.68 -0.90
N LEU B 258 17.08 48.84 -1.32
CA LEU B 258 18.03 48.19 -0.44
C LEU B 258 18.89 49.16 0.37
N ASN B 259 19.41 50.21 -0.27
CA ASN B 259 20.17 51.20 0.50
C ASN B 259 19.30 51.93 1.50
N TYR B 260 18.05 52.19 1.12
CA TYR B 260 17.16 52.78 2.07
C TYR B 260 16.91 51.80 3.23
N ILE B 261 16.84 50.51 2.95
CA ILE B 261 16.55 49.57 4.02
C ILE B 261 17.72 49.60 4.96
N ASP B 262 18.89 49.64 4.35
CA ASP B 262 20.11 49.59 5.12
C ASP B 262 20.28 50.84 5.99
N GLU B 263 20.05 52.01 5.39
CA GLU B 263 20.25 53.30 6.08
C GLU B 263 19.22 53.56 7.15
N LYS B 264 17.97 53.23 6.89
CA LYS B 264 16.87 53.51 7.80
C LYS B 264 16.66 52.44 8.86
N PHE B 265 17.13 51.24 8.60
CA PHE B 265 16.78 50.09 9.41
C PHE B 265 17.96 49.28 9.86
N ALA B 266 18.66 48.64 8.95
CA ALA B 266 19.80 47.86 9.33
C ALA B 266 20.91 48.68 9.98
N GLN B 267 21.04 49.92 9.58
CA GLN B 267 22.06 50.79 10.20
C GLN B 267 21.48 51.52 11.41
N VAL B 268 20.18 51.34 11.66
CA VAL B 268 19.52 51.98 12.78
C VAL B 268 19.22 51.08 14.01
N LYS B 269 19.03 49.78 13.81
CA LYS B 269 18.87 48.87 14.95
C LYS B 269 20.25 48.57 15.45
N PRO B 270 20.37 48.19 16.73
CA PRO B 270 21.71 47.86 17.28
C PRO B 270 22.30 46.54 16.79
N ASP B 271 21.48 45.62 16.25
CA ASP B 271 21.88 44.21 16.25
C ASP B 271 21.45 43.43 15.01
N ILE B 272 21.42 44.10 13.87
CA ILE B 272 21.04 43.44 12.66
C ILE B 272 22.28 42.89 11.99
N ASN B 273 22.27 41.59 11.70
CA ASN B 273 23.45 40.90 11.13
C ASN B 273 23.64 40.81 9.61
N GLN B 274 22.75 40.16 8.88
CA GLN B 274 23.05 39.99 7.45
C GLN B 274 22.03 40.85 6.79
N LEU B 275 22.39 41.49 5.70
CA LEU B 275 21.38 42.12 4.86
C LEU B 275 21.74 41.68 3.45
N VAL B 276 20.82 40.98 2.81
CA VAL B 276 21.18 40.23 1.62
C VAL B 276 20.16 40.51 0.55
N MET B 277 20.57 40.51 -0.72
CA MET B 277 19.59 40.68 -1.81
C MET B 277 19.86 39.74 -2.99
N CYS B 278 18.81 39.14 -3.55
CA CYS B 278 18.99 38.31 -4.71
C CYS B 278 18.62 39.06 -5.96
N PRO B 279 19.54 39.20 -6.91
CA PRO B 279 19.31 40.00 -8.12
C PRO B 279 18.32 39.34 -9.10
N THR B 280 17.66 40.15 -9.92
CA THR B 280 16.86 39.61 -11.02
C THR B 280 17.78 38.86 -12.01
N GLU B 281 18.93 39.42 -12.35
CA GLU B 281 19.87 38.60 -13.14
C GLU B 281 20.74 37.84 -12.14
N TYR B 282 20.40 36.58 -11.88
CA TYR B 282 20.99 35.83 -10.76
C TYR B 282 21.99 34.73 -11.13
N ASN B 283 22.23 34.61 -12.42
CA ASN B 283 23.20 33.68 -13.00
C ASN B 283 23.60 34.23 -14.40
N LYS B 284 24.77 33.85 -14.86
CA LYS B 284 25.30 34.45 -16.07
C LYS B 284 24.36 34.37 -17.26
N SER B 285 23.76 33.21 -17.48
CA SER B 285 22.97 32.97 -18.68
C SER B 285 21.68 33.77 -18.62
N TRP B 286 21.30 34.21 -17.44
CA TRP B 286 20.13 35.07 -17.33
C TRP B 286 20.54 36.54 -17.34
N SER B 287 21.83 36.78 -17.22
CA SER B 287 22.35 38.14 -17.27
C SER B 287 22.37 38.72 -18.68
N ASN B 288 22.41 40.02 -18.77
CA ASN B 288 22.82 40.66 -19.97
C ASN B 288 24.22 41.28 -19.79
N PRO B 289 25.27 40.59 -20.28
CA PRO B 289 26.64 41.07 -20.15
C PRO B 289 26.80 42.49 -20.68
N ASN B 290 26.07 42.86 -21.74
CA ASN B 290 26.21 44.19 -22.32
C ASN B 290 25.20 45.19 -21.74
N GLY B 291 24.42 44.77 -20.75
CA GLY B 291 23.37 45.58 -20.16
C GLY B 291 23.91 46.13 -18.87
N ASN B 292 23.18 47.03 -18.23
CA ASN B 292 23.73 47.66 -17.02
C ASN B 292 23.25 47.10 -15.67
N TYR B 293 22.49 46.01 -15.70
CA TYR B 293 21.85 45.55 -14.48
C TYR B 293 22.86 45.24 -13.41
N LEU B 294 23.81 44.36 -13.71
CA LEU B 294 24.73 43.90 -12.70
C LEU B 294 25.70 44.99 -12.26
N THR B 295 26.27 45.74 -13.22
CA THR B 295 27.16 46.86 -12.83
C THR B 295 26.39 47.92 -12.03
N THR B 296 25.18 48.27 -12.48
CA THR B 296 24.41 49.21 -11.67
C THR B 296 24.32 48.72 -10.22
N LEU B 297 24.08 47.43 -10.00
CA LEU B 297 23.97 46.95 -8.63
C LEU B 297 25.34 47.02 -7.93
N GLY B 298 26.38 46.62 -8.62
CA GLY B 298 27.73 46.66 -8.05
C GLY B 298 28.20 48.04 -7.59
N ASP B 299 27.85 49.05 -8.40
CA ASP B 299 28.20 50.43 -8.10
C ASP B 299 27.28 51.01 -7.05
N LYS B 300 25.98 50.75 -7.13
CA LYS B 300 25.06 51.50 -6.27
C LYS B 300 24.73 50.87 -4.91
N LEU B 301 24.85 49.55 -4.76
CA LEU B 301 24.49 48.92 -3.50
C LEU B 301 25.54 49.18 -2.46
N ASN B 302 25.11 49.75 -1.33
CA ASN B 302 25.97 49.86 -0.15
C ASN B 302 26.82 48.63 0.00
N PRO B 303 28.09 48.84 0.33
CA PRO B 303 29.13 47.82 0.39
C PRO B 303 28.81 46.70 1.38
N SER B 304 27.94 46.95 2.35
CA SER B 304 27.66 45.91 3.33
C SER B 304 26.55 44.93 2.86
N ILE B 305 25.86 45.28 1.78
CA ILE B 305 24.75 44.46 1.35
C ILE B 305 25.27 43.27 0.52
N GLN B 306 24.84 42.07 0.85
CA GLN B 306 25.26 40.91 0.10
C GLN B 306 24.45 40.78 -1.21
N ILE B 307 25.09 40.25 -2.25
CA ILE B 307 24.43 40.01 -3.50
C ILE B 307 24.49 38.51 -3.91
N MET B 308 23.32 37.89 -4.09
CA MET B 308 23.28 36.48 -4.42
C MET B 308 23.49 36.19 -5.90
N TRP B 309 23.86 34.93 -6.14
CA TRP B 309 24.31 34.45 -7.44
C TRP B 309 24.25 32.94 -7.46
N THR B 310 23.58 32.39 -8.47
CA THR B 310 23.50 30.93 -8.61
C THR B 310 24.51 30.31 -9.59
N GLY B 311 25.41 31.10 -10.20
CA GLY B 311 26.47 30.49 -11.02
C GLY B 311 26.33 30.89 -12.49
N ASP B 312 26.91 30.09 -13.38
CA ASP B 312 26.89 30.38 -14.81
C ASP B 312 25.49 30.16 -15.40
N ARG B 313 24.71 29.31 -14.73
CA ARG B 313 23.36 28.97 -15.21
C ARG B 313 22.43 28.92 -13.99
N VAL B 314 21.13 28.86 -14.24
CA VAL B 314 20.16 28.81 -13.16
C VAL B 314 20.54 27.68 -12.21
N ILE B 315 20.77 26.49 -12.78
CA ILE B 315 21.37 25.41 -12.04
C ILE B 315 22.76 25.23 -12.57
N SER B 316 23.74 25.32 -11.69
CA SER B 316 25.12 25.11 -12.07
C SER B 316 26.04 25.02 -10.87
N ASP B 317 27.24 24.52 -11.14
CA ASP B 317 28.24 24.37 -10.12
C ASP B 317 29.16 25.59 -10.17
N ILE B 318 29.82 25.91 -9.06
CA ILE B 318 30.54 27.19 -9.02
C ILE B 318 32.03 27.03 -9.36
N THR B 319 32.45 27.72 -10.41
CA THR B 319 33.82 27.66 -10.91
C THR B 319 34.58 28.93 -10.60
N ARG B 320 35.91 28.83 -10.63
CA ARG B 320 36.77 29.98 -10.41
C ARG B 320 36.43 31.04 -11.43
N ASP B 321 36.41 30.67 -12.69
CA ASP B 321 36.02 31.62 -13.74
C ASP B 321 34.66 32.23 -13.49
N GLY B 322 33.68 31.38 -13.18
CA GLY B 322 32.31 31.83 -12.98
C GLY B 322 32.19 32.86 -11.89
N ILE B 323 32.85 32.64 -10.75
CA ILE B 323 32.66 33.54 -9.62
C ILE B 323 33.46 34.81 -9.87
N SER B 324 34.56 34.67 -10.60
CA SER B 324 35.36 35.82 -10.95
C SER B 324 34.58 36.73 -11.87
N TRP B 325 33.85 36.17 -12.81
CA TRP B 325 33.03 36.97 -13.72
C TRP B 325 31.95 37.78 -13.02
N ILE B 326 31.27 37.18 -12.03
CA ILE B 326 30.25 37.91 -11.30
C ILE B 326 30.92 38.92 -10.38
N ASN B 327 31.97 38.49 -9.70
CA ASN B 327 32.61 39.33 -8.69
C ASN B 327 33.08 40.68 -9.28
N GLU B 328 33.57 40.69 -10.52
CA GLU B 328 34.07 41.92 -11.16
C GLU B 328 32.93 42.90 -11.47
N ARG B 329 31.72 42.39 -11.59
CA ARG B 329 30.61 43.30 -11.91
C ARG B 329 29.95 43.85 -10.65
N ILE B 330 29.82 43.02 -9.63
CA ILE B 330 29.15 43.43 -8.40
C ILE B 330 30.10 44.03 -7.36
N LYS B 331 31.40 43.90 -7.57
CA LYS B 331 32.40 44.66 -6.79
C LYS B 331 32.49 44.18 -5.34
N ARG B 332 32.05 42.95 -5.13
CA ARG B 332 32.16 42.35 -3.82
C ARG B 332 32.16 40.83 -4.07
N PRO B 333 32.52 40.03 -3.06
CA PRO B 333 32.46 38.58 -3.25
C PRO B 333 31.00 38.07 -3.24
N ALA B 334 30.65 37.31 -4.29
CA ALA B 334 29.29 36.77 -4.46
C ALA B 334 28.81 35.90 -3.29
N TYR B 335 27.51 36.01 -3.04
CA TYR B 335 26.88 35.25 -1.99
C TYR B 335 26.13 34.16 -2.71
N ILE B 336 26.78 32.99 -2.83
CA ILE B 336 26.26 31.88 -3.65
C ILE B 336 24.96 31.25 -3.16
N TRP B 337 23.98 31.24 -4.06
CA TRP B 337 22.73 30.52 -3.89
C TRP B 337 22.88 29.26 -4.74
N TRP B 338 23.21 28.14 -4.14
CA TRP B 338 23.40 26.92 -4.93
C TRP B 338 22.12 26.13 -5.20
N ASN B 339 21.74 26.01 -6.46
CA ASN B 339 20.48 25.33 -6.80
C ASN B 339 20.55 23.79 -6.88
N PHE B 340 21.01 23.20 -5.77
CA PHE B 340 21.03 21.76 -5.51
C PHE B 340 20.95 21.55 -3.97
N PRO B 341 20.14 20.58 -3.51
CA PRO B 341 19.39 19.59 -4.30
C PRO B 341 17.95 19.99 -4.66
N VAL B 342 17.61 21.29 -4.57
CA VAL B 342 16.29 21.75 -5.00
C VAL B 342 15.81 20.92 -6.19
N SER B 343 14.53 20.57 -6.19
CA SER B 343 13.98 19.66 -7.18
CA SER B 343 13.99 19.67 -7.21
C SER B 343 12.70 20.19 -7.79
N ASP B 344 12.38 21.45 -7.48
CA ASP B 344 11.08 21.99 -7.81
C ASP B 344 10.77 22.03 -9.31
N TYR B 345 11.74 21.71 -10.15
CA TYR B 345 11.48 21.70 -11.61
C TYR B 345 11.69 20.26 -12.15
N VAL B 346 12.04 19.34 -11.26
CA VAL B 346 12.03 17.90 -11.58
C VAL B 346 11.35 17.15 -10.43
N ARG B 347 10.11 17.54 -10.13
CA ARG B 347 9.47 17.16 -8.91
C ARG B 347 9.18 15.66 -8.70
N ASP B 348 9.33 14.87 -9.78
CA ASP B 348 9.17 13.42 -9.73
C ASP B 348 10.47 12.67 -9.49
N HIS B 349 11.55 13.40 -9.32
CA HIS B 349 12.82 12.77 -8.99
C HIS B 349 13.18 13.18 -7.60
N LEU B 350 13.84 12.27 -6.88
CA LEU B 350 14.54 12.65 -5.65
C LEU B 350 16.04 12.82 -5.95
N LEU B 351 16.68 13.85 -5.41
CA LEU B 351 18.11 14.08 -5.67
C LEU B 351 18.99 13.82 -4.42
N LEU B 352 19.39 12.56 -4.22
CA LEU B 352 20.04 12.17 -2.97
C LEU B 352 21.48 11.80 -3.15
N GLY B 353 22.05 12.18 -4.29
CA GLY B 353 23.45 11.92 -4.51
C GLY B 353 24.35 12.82 -3.71
N PRO B 354 25.66 12.63 -3.87
CA PRO B 354 26.71 13.52 -3.34
C PRO B 354 26.72 14.94 -3.87
N VAL B 355 27.31 15.83 -3.08
CA VAL B 355 27.46 17.20 -3.48
C VAL B 355 28.86 17.31 -4.08
N TYR B 356 28.97 17.75 -5.34
CA TYR B 356 30.27 17.86 -6.02
C TYR B 356 30.12 18.86 -7.15
N GLY B 357 31.22 19.16 -7.85
CA GLY B 357 31.16 20.10 -8.96
C GLY B 357 31.66 21.51 -8.60
N ASN B 358 31.74 21.82 -7.30
CA ASN B 358 32.07 23.17 -6.91
C ASN B 358 33.56 23.25 -6.64
N ASP B 359 34.21 24.24 -7.24
CA ASP B 359 35.62 24.41 -7.07
C ASP B 359 35.95 24.58 -5.60
N THR B 360 37.03 23.91 -5.19
CA THR B 360 37.43 23.87 -3.79
C THR B 360 38.50 24.89 -3.40
N THR B 361 38.92 25.72 -4.33
CA THR B 361 39.96 26.70 -4.03
C THR B 361 39.42 28.14 -3.99
N ILE B 362 38.11 28.32 -4.09
CA ILE B 362 37.58 29.68 -4.25
C ILE B 362 36.90 30.29 -3.03
N ALA B 363 37.21 29.77 -1.84
CA ALA B 363 36.63 30.26 -0.62
C ALA B 363 36.65 31.80 -0.52
N LYS B 364 37.81 32.40 -0.83
CA LYS B 364 38.01 33.82 -0.62
C LYS B 364 37.15 34.62 -1.58
N GLU B 365 36.65 33.97 -2.62
CA GLU B 365 35.90 34.66 -3.69
C GLU B 365 34.39 34.67 -3.45
N MET B 366 33.95 34.27 -2.27
CA MET B 366 32.52 34.20 -2.00
C MET B 366 32.28 34.63 -0.56
N SER B 367 31.19 35.38 -0.33
CA SER B 367 30.83 35.85 1.02
C SER B 367 30.03 34.80 1.77
N GLY B 368 29.33 34.00 0.99
CA GLY B 368 28.55 32.95 1.59
C GLY B 368 28.23 31.88 0.58
N PHE B 369 27.77 30.76 1.13
CA PHE B 369 27.33 29.64 0.31
C PHE B 369 26.15 29.02 1.00
N VAL B 370 24.99 29.11 0.34
CA VAL B 370 23.78 28.40 0.79
C VAL B 370 23.13 27.53 -0.29
N THR B 371 22.53 26.45 0.19
CA THR B 371 21.89 25.46 -0.66
C THR B 371 20.36 25.64 -0.71
N ASN B 372 19.82 25.73 -1.91
CA ASN B 372 18.36 25.61 -2.14
C ASN B 372 18.02 24.11 -2.20
N PRO B 373 17.34 23.59 -1.14
CA PRO B 373 17.05 22.17 -0.95
C PRO B 373 15.77 21.74 -1.65
N MET B 374 15.43 20.44 -1.61
CA MET B 374 14.14 19.94 -2.10
C MET B 374 13.05 20.36 -1.12
N GLU B 375 11.80 20.36 -1.58
CA GLU B 375 10.70 20.40 -0.64
C GLU B 375 10.68 19.24 0.39
N HIS B 376 11.48 18.19 0.17
CA HIS B 376 11.60 17.11 1.14
C HIS B 376 12.72 17.47 2.15
N ALA B 377 12.33 18.07 3.26
CA ALA B 377 13.27 18.50 4.27
C ALA B 377 14.29 17.43 4.69
N GLU B 378 13.84 16.28 5.19
CA GLU B 378 14.78 15.35 5.78
C GLU B 378 15.72 14.82 4.69
N SER B 379 15.15 14.55 3.52
CA SER B 379 15.89 13.98 2.40
C SER B 379 17.03 14.91 1.99
N SER B 380 16.84 16.20 2.23
CA SER B 380 17.80 17.23 1.84
C SER B 380 19.02 17.19 2.75
N LYS B 381 18.87 16.61 3.94
CA LYS B 381 19.97 16.60 4.89
C LYS B 381 21.24 15.95 4.34
N ILE B 382 21.11 15.07 3.37
CA ILE B 382 22.29 14.47 2.84
C ILE B 382 23.19 15.52 2.16
N ALA B 383 22.58 16.30 1.25
CA ALA B 383 23.25 17.39 0.58
C ALA B 383 23.64 18.50 1.56
N ILE B 384 22.68 18.91 2.39
CA ILE B 384 22.90 20.01 3.35
C ILE B 384 24.13 19.76 4.24
N TYR B 385 24.26 18.55 4.75
CA TYR B 385 25.38 18.16 5.57
C TYR B 385 26.67 18.31 4.77
N SER B 386 26.56 18.02 3.47
CA SER B 386 27.75 17.96 2.61
C SER B 386 28.19 19.36 2.31
N VAL B 387 27.22 20.21 1.97
CA VAL B 387 27.45 21.63 1.78
C VAL B 387 28.04 22.28 3.06
N ALA B 388 27.57 21.88 4.23
CA ALA B 388 28.15 22.38 5.46
C ALA B 388 29.65 22.05 5.50
N SER B 389 29.98 20.83 5.09
CA SER B 389 31.37 20.39 5.09
C SER B 389 32.19 21.19 4.04
N TYR B 390 31.67 21.26 2.83
CA TYR B 390 32.36 21.91 1.75
C TYR B 390 32.63 23.36 2.11
N ALA B 391 31.69 23.97 2.82
CA ALA B 391 31.78 25.42 3.02
C ALA B 391 32.63 25.76 4.25
N TRP B 392 32.68 24.85 5.22
CA TRP B 392 33.55 25.09 6.35
C TRP B 392 35.02 24.96 5.86
N ASN B 393 35.30 23.88 5.13
CA ASN B 393 36.66 23.55 4.81
C ASN B 393 36.77 22.96 3.41
N PRO B 394 36.54 23.79 2.38
CA PRO B 394 36.50 23.27 1.02
C PRO B 394 37.82 22.64 0.56
N ALA B 395 38.95 22.98 1.21
CA ALA B 395 40.24 22.48 0.73
C ALA B 395 40.37 21.01 1.06
N LYS B 396 39.59 20.56 2.03
CA LYS B 396 39.63 19.15 2.42
C LYS B 396 38.28 18.48 2.14
N TYR B 397 37.47 19.15 1.33
CA TYR B 397 36.20 18.57 0.92
C TYR B 397 36.35 17.22 0.19
N ASP B 398 35.87 16.17 0.82
CA ASP B 398 35.81 14.84 0.24
C ASP B 398 34.33 14.46 -0.04
N THR B 399 33.92 14.56 -1.31
CA THR B 399 32.55 14.31 -1.77
C THR B 399 31.97 12.99 -1.33
N TRP B 400 32.63 11.88 -1.72
CA TRP B 400 32.12 10.55 -1.41
C TRP B 400 32.14 10.23 0.07
N GLN B 401 33.19 10.57 0.79
CA GLN B 401 33.19 10.26 2.23
C GLN B 401 32.15 11.08 2.96
N THR B 402 31.90 12.29 2.47
CA THR B 402 31.01 13.18 3.20
C THR B 402 29.58 12.72 2.98
N TRP B 403 29.25 12.38 1.73
CA TRP B 403 28.02 11.67 1.44
C TRP B 403 27.76 10.49 2.41
N LYS B 404 28.69 9.55 2.49
CA LYS B 404 28.49 8.39 3.39
C LYS B 404 28.30 8.88 4.80
N ASP B 405 29.10 9.87 5.20
CA ASP B 405 29.02 10.41 6.54
C ASP B 405 27.63 10.95 6.80
N ALA B 406 27.08 11.66 5.82
CA ALA B 406 25.77 12.29 6.01
C ALA B 406 24.72 11.20 6.23
N ILE B 407 24.76 10.23 5.32
CA ILE B 407 23.81 9.14 5.34
C ILE B 407 23.91 8.38 6.67
N ARG B 408 25.12 8.22 7.16
CA ARG B 408 25.30 7.48 8.39
C ARG B 408 24.82 8.30 9.58
N THR B 409 24.81 9.62 9.43
CA THR B 409 24.43 10.48 10.53
C THR B 409 22.92 10.58 10.62
N ILE B 410 22.31 10.69 9.45
CA ILE B 410 20.88 10.77 9.26
CA ILE B 410 20.88 10.80 9.32
C ILE B 410 20.14 9.51 9.68
N LEU B 411 20.67 8.35 9.28
CA LEU B 411 19.98 7.07 9.48
C LEU B 411 20.92 5.96 9.92
N PRO B 412 21.52 6.09 11.10
CA PRO B 412 22.49 5.06 11.50
C PRO B 412 21.92 3.65 11.41
N SER B 413 20.69 3.45 11.87
CA SER B 413 20.06 2.12 11.92
C SER B 413 19.94 1.44 10.55
N ALA B 414 19.89 2.20 9.47
CA ALA B 414 19.76 1.56 8.15
C ALA B 414 20.59 2.29 7.09
N ALA B 415 21.83 2.60 7.46
CA ALA B 415 22.73 3.43 6.68
C ALA B 415 23.08 2.80 5.34
N GLU B 416 23.39 1.53 5.32
CA GLU B 416 23.75 0.94 4.04
C GLU B 416 22.54 0.92 3.09
N GLU B 417 21.34 0.76 3.67
CA GLU B 417 20.12 0.65 2.87
C GLU B 417 19.85 1.98 2.25
N LEU B 418 20.06 3.04 3.06
CA LEU B 418 19.87 4.41 2.56
C LEU B 418 20.88 4.73 1.43
N GLU B 419 22.15 4.32 1.60
CA GLU B 419 23.17 4.51 0.54
C GLU B 419 22.70 3.89 -0.79
N CYS B 420 22.31 2.62 -0.67
CA CYS B 420 21.83 1.89 -1.83
C CYS B 420 20.72 2.70 -2.49
N PHE B 421 19.73 3.09 -1.72
CA PHE B 421 18.65 3.90 -2.29
C PHE B 421 19.16 5.17 -2.94
N ALA B 422 19.91 5.96 -2.17
CA ALA B 422 20.40 7.26 -2.68
C ALA B 422 21.30 7.11 -3.92
N MET B 423 22.17 6.09 -3.91
CA MET B 423 23.07 5.77 -5.03
C MET B 423 22.30 5.74 -6.33
N HIS B 424 21.08 5.21 -6.31
CA HIS B 424 20.30 5.09 -7.55
C HIS B 424 19.16 6.06 -7.61
N ASN B 425 19.30 7.14 -6.83
CA ASN B 425 18.35 8.26 -6.90
C ASN B 425 19.06 9.60 -6.86
N SER B 426 19.89 9.84 -7.87
CA SER B 426 20.75 11.02 -7.86
C SER B 426 20.58 11.92 -9.08
N ASP B 427 20.31 11.33 -10.24
CA ASP B 427 20.18 12.12 -11.46
C ASP B 427 18.79 12.77 -11.61
N LEU B 428 18.73 13.83 -12.40
CA LEU B 428 17.49 14.61 -12.48
C LEU B 428 16.62 14.18 -13.64
N GLY B 429 17.23 13.44 -14.58
CA GLY B 429 16.62 13.20 -15.88
C GLY B 429 16.69 14.45 -16.73
N PRO B 430 16.39 14.33 -18.03
CA PRO B 430 16.39 15.46 -18.97
C PRO B 430 15.53 16.60 -18.46
N ASN B 431 16.00 17.83 -18.61
CA ASN B 431 15.27 18.97 -18.11
C ASN B 431 15.69 20.26 -18.79
N GLY B 432 14.86 21.27 -18.61
CA GLY B 432 15.01 22.59 -19.20
C GLY B 432 16.21 23.32 -18.68
N HIS B 433 16.64 23.02 -17.46
CA HIS B 433 17.89 23.67 -16.99
C HIS B 433 19.18 22.97 -17.46
N GLY B 434 19.03 21.79 -18.05
CA GLY B 434 20.18 21.06 -18.56
C GLY B 434 21.07 20.49 -17.48
N TYR B 435 20.61 20.44 -16.23
CA TYR B 435 21.55 20.01 -15.18
C TYR B 435 21.46 18.50 -14.88
N ARG B 436 22.60 17.79 -14.85
CA ARG B 436 22.57 16.34 -14.64
C ARG B 436 23.51 15.95 -13.50
N ARG B 437 23.30 14.76 -12.93
CA ARG B 437 24.16 14.26 -11.87
C ARG B 437 24.43 12.79 -12.17
N GLU B 438 25.60 12.30 -11.77
CA GLU B 438 25.93 10.89 -11.98
C GLU B 438 24.98 10.03 -11.21
N GLU B 439 24.83 8.78 -11.63
CA GLU B 439 23.94 7.86 -10.96
C GLU B 439 24.35 6.42 -11.20
N SER B 440 24.23 5.61 -10.16
CA SER B 440 24.37 4.18 -10.30
C SER B 440 25.74 3.80 -10.88
N MET B 441 26.77 4.56 -10.53
CA MET B 441 28.08 4.39 -11.19
C MET B 441 28.78 3.08 -10.83
N ASP B 442 28.52 2.57 -9.63
CA ASP B 442 28.98 1.27 -9.20
C ASP B 442 28.57 0.14 -10.18
N ILE B 443 27.37 0.19 -10.76
CA ILE B 443 26.94 -0.90 -11.64
C ILE B 443 27.04 -0.57 -13.14
N GLN B 444 27.42 0.66 -13.45
CA GLN B 444 27.61 1.05 -14.83
C GLN B 444 28.58 0.16 -15.62
N PRO B 445 29.72 -0.21 -15.02
CA PRO B 445 30.65 -1.14 -15.69
C PRO B 445 29.92 -2.37 -16.20
N ALA B 446 29.40 -3.15 -15.25
CA ALA B 446 28.62 -4.35 -15.51
C ALA B 446 27.48 -4.16 -16.52
N ALA B 447 26.67 -3.12 -16.29
CA ALA B 447 25.53 -2.88 -17.14
C ALA B 447 25.94 -2.83 -18.60
N GLU B 448 26.79 -1.88 -18.94
CA GLU B 448 27.13 -1.65 -20.35
C GLU B 448 27.84 -2.84 -21.00
N ARG B 449 28.62 -3.58 -20.22
CA ARG B 449 29.34 -4.79 -20.69
C ARG B 449 28.40 -5.96 -20.91
N PHE B 450 27.27 -5.95 -20.18
CA PHE B 450 26.29 -7.00 -20.28
C PHE B 450 25.39 -6.72 -21.46
N LEU B 451 24.95 -5.48 -21.58
CA LEU B 451 24.13 -5.12 -22.71
C LEU B 451 24.98 -5.06 -24.00
N LYS B 452 26.28 -5.25 -23.88
CA LYS B 452 27.12 -5.26 -25.08
C LYS B 452 27.11 -6.68 -25.59
N ALA B 453 27.63 -7.57 -24.76
CA ALA B 453 27.73 -8.98 -25.09
C ALA B 453 26.39 -9.58 -25.50
N PHE B 454 25.37 -9.35 -24.68
CA PHE B 454 24.03 -9.89 -24.90
C PHE B 454 23.35 -9.34 -26.15
N LYS B 455 23.43 -8.03 -26.36
CA LYS B 455 22.79 -7.38 -27.51
C LYS B 455 23.34 -7.85 -28.85
N GLU B 456 24.58 -8.32 -28.88
CA GLU B 456 25.17 -8.72 -30.16
C GLU B 456 25.51 -10.22 -30.20
N GLY B 457 24.65 -11.03 -29.60
CA GLY B 457 24.79 -12.49 -29.61
C GLY B 457 26.02 -13.03 -28.90
N LYS B 458 26.98 -12.17 -28.62
CA LYS B 458 28.20 -12.60 -27.94
C LYS B 458 27.80 -13.09 -26.55
N ASN B 459 28.64 -13.89 -25.90
CA ASN B 459 28.36 -14.32 -24.52
C ASN B 459 28.68 -13.20 -23.54
N TYR B 460 27.81 -12.96 -22.58
CA TYR B 460 28.06 -11.99 -21.52
C TYR B 460 28.92 -12.62 -20.42
N ASP B 461 29.57 -11.81 -19.60
CA ASP B 461 30.34 -12.38 -18.48
C ASP B 461 29.45 -12.69 -17.28
N LYS B 462 29.73 -13.81 -16.64
CA LYS B 462 28.96 -14.33 -15.51
C LYS B 462 28.95 -13.37 -14.34
N ALA B 463 30.12 -12.79 -14.08
CA ALA B 463 30.35 -11.93 -12.93
C ALA B 463 29.56 -10.62 -13.04
N ASP B 464 29.31 -10.19 -14.28
CA ASP B 464 28.47 -9.03 -14.55
C ASP B 464 27.04 -9.34 -14.20
N PHE B 465 26.48 -10.29 -14.95
CA PHE B 465 25.15 -10.82 -14.70
C PHE B 465 24.89 -10.87 -13.20
N GLU B 466 25.90 -11.30 -12.44
CA GLU B 466 25.70 -11.55 -11.03
C GLU B 466 25.89 -10.30 -10.17
N THR B 467 26.50 -9.29 -10.78
CA THR B 467 26.54 -7.98 -10.16
C THR B 467 25.14 -7.32 -10.25
N LEU B 468 24.57 -7.32 -11.45
CA LEU B 468 23.20 -6.88 -11.66
C LEU B 468 22.16 -7.58 -10.77
N GLN B 469 22.17 -8.90 -10.84
CA GLN B 469 21.43 -9.77 -9.93
C GLN B 469 21.61 -9.35 -8.47
N TYR B 470 22.87 -9.22 -8.04
CA TYR B 470 23.23 -8.79 -6.67
C TYR B 470 22.62 -7.41 -6.31
N THR B 471 22.66 -6.50 -7.27
CA THR B 471 22.14 -5.16 -7.08
C THR B 471 20.60 -5.15 -6.90
N PHE B 472 19.91 -5.81 -7.82
CA PHE B 472 18.46 -5.97 -7.66
C PHE B 472 18.12 -6.53 -6.28
N GLU B 473 18.82 -7.57 -5.86
CA GLU B 473 18.52 -8.17 -4.58
C GLU B 473 18.70 -7.13 -3.48
N ARG B 474 19.80 -6.37 -3.60
CA ARG B 474 20.14 -5.37 -2.61
C ARG B 474 19.11 -4.23 -2.58
N MET B 475 18.65 -3.84 -3.76
CA MET B 475 17.66 -2.82 -3.85
C MET B 475 16.41 -3.25 -3.11
N LYS B 476 16.00 -4.51 -3.23
CA LYS B 476 14.82 -4.99 -2.50
C LYS B 476 15.05 -5.02 -0.98
N GLU B 477 16.20 -5.49 -0.53
CA GLU B 477 16.42 -5.45 0.90
C GLU B 477 16.26 -4.00 1.41
N SER B 478 16.83 -3.05 0.66
CA SER B 478 16.90 -1.66 1.11
C SER B 478 15.51 -1.05 1.12
N ALA B 479 14.76 -1.28 0.05
CA ALA B 479 13.37 -0.79 -0.01
C ALA B 479 12.51 -1.27 1.18
N ASP B 480 12.54 -2.56 1.43
CA ASP B 480 11.67 -3.13 2.45
C ASP B 480 12.14 -2.68 3.83
N ILE B 481 13.46 -2.62 4.04
CA ILE B 481 13.99 -2.13 5.32
C ILE B 481 13.69 -0.65 5.52
N LEU B 482 13.86 0.17 4.47
CA LEU B 482 13.54 1.58 4.60
C LEU B 482 12.05 1.86 4.89
N LEU B 483 11.14 1.11 4.27
CA LEU B 483 9.72 1.38 4.46
C LEU B 483 9.30 1.26 5.90
N MET B 484 9.99 0.41 6.64
CA MET B 484 9.55 0.00 7.96
C MET B 484 10.45 0.64 9.01
N ASN B 485 11.28 1.58 8.56
CA ASN B 485 12.19 2.20 9.51
C ASN B 485 11.49 3.27 10.32
N THR B 486 11.70 3.27 11.64
CA THR B 486 11.00 4.18 12.51
C THR B 486 11.98 5.08 13.24
N GLU B 487 13.25 4.95 12.91
CA GLU B 487 14.22 5.85 13.51
C GLU B 487 14.02 7.27 12.98
N ASN B 488 13.78 7.41 11.66
CA ASN B 488 13.44 8.72 11.06
C ASN B 488 12.20 8.69 10.16
N LYS B 489 11.03 8.84 10.77
CA LYS B 489 9.77 8.60 10.12
C LYS B 489 9.46 9.64 9.07
N PRO B 490 9.79 10.90 9.37
CA PRO B 490 9.48 11.92 8.40
C PRO B 490 10.30 11.68 7.14
N LEU B 491 11.56 11.29 7.30
CA LEU B 491 12.36 10.88 6.15
C LEU B 491 11.58 9.80 5.38
N ILE B 492 11.09 8.80 6.11
CA ILE B 492 10.45 7.68 5.41
C ILE B 492 9.17 8.12 4.71
N VAL B 493 8.43 9.01 5.36
CA VAL B 493 7.21 9.56 4.79
C VAL B 493 7.51 10.31 3.48
N GLU B 494 8.53 11.14 3.48
CA GLU B 494 8.96 11.80 2.25
C GLU B 494 9.28 10.84 1.09
N ILE B 495 10.05 9.79 1.36
CA ILE B 495 10.55 8.95 0.26
C ILE B 495 9.73 7.73 -0.14
N THR B 496 8.67 7.42 0.62
CA THR B 496 7.95 6.15 0.45
C THR B 496 7.47 5.86 -0.98
N PRO B 497 6.81 6.83 -1.62
CA PRO B 497 6.44 6.55 -3.00
C PRO B 497 7.62 6.04 -3.77
N TRP B 498 8.75 6.73 -3.70
CA TRP B 498 9.91 6.36 -4.50
C TRP B 498 10.49 5.02 -4.08
N VAL B 499 10.45 4.75 -2.77
CA VAL B 499 10.88 3.46 -2.26
C VAL B 499 10.02 2.34 -2.86
N HIS B 500 8.72 2.56 -3.03
CA HIS B 500 7.88 1.55 -3.66
C HIS B 500 8.30 1.39 -5.10
N GLN B 501 8.39 2.50 -5.80
CA GLN B 501 8.74 2.47 -7.23
C GLN B 501 10.12 1.81 -7.45
N PHE B 502 11.03 2.08 -6.53
CA PHE B 502 12.39 1.54 -6.51
C PHE B 502 12.35 0.02 -6.36
N LYS B 503 11.46 -0.45 -5.49
CA LYS B 503 11.30 -1.89 -5.32
C LYS B 503 10.75 -2.55 -6.60
N LEU B 504 9.65 -2.04 -7.13
CA LEU B 504 9.19 -2.53 -8.44
C LEU B 504 10.28 -2.58 -9.54
N THR B 505 11.09 -1.54 -9.64
CA THR B 505 12.26 -1.55 -10.56
C THR B 505 13.16 -2.78 -10.29
N ALA B 506 13.51 -3.01 -9.05
CA ALA B 506 14.44 -4.04 -8.73
C ALA B 506 13.81 -5.37 -9.15
N GLU B 507 12.52 -5.55 -8.86
CA GLU B 507 11.85 -6.81 -9.14
C GLU B 507 11.72 -6.99 -10.64
N MET B 508 11.42 -5.91 -11.34
CA MET B 508 11.34 -6.01 -12.76
C MET B 508 12.70 -6.46 -13.33
N GLY B 509 13.79 -5.97 -12.73
CA GLY B 509 15.15 -6.35 -13.10
C GLY B 509 15.39 -7.84 -12.88
N GLU B 510 15.04 -8.37 -11.71
CA GLU B 510 15.18 -9.80 -11.44
C GLU B 510 14.50 -10.69 -12.48
N GLU B 511 13.24 -10.37 -12.78
CA GLU B 511 12.45 -11.13 -13.74
C GLU B 511 13.08 -10.99 -15.12
N VAL B 512 13.50 -9.78 -15.48
CA VAL B 512 14.07 -9.64 -16.80
C VAL B 512 15.31 -10.53 -16.89
N LEU B 513 16.10 -10.56 -15.82
CA LEU B 513 17.28 -11.41 -15.85
C LEU B 513 16.88 -12.88 -16.04
N LYS B 514 15.87 -13.32 -15.28
CA LYS B 514 15.36 -14.68 -15.48
C LYS B 514 14.92 -14.97 -16.93
N MET B 515 14.38 -13.98 -17.62
CA MET B 515 14.04 -14.14 -19.00
C MET B 515 15.28 -14.38 -19.83
N VAL B 516 16.37 -13.74 -19.44
CA VAL B 516 17.64 -13.94 -20.13
C VAL B 516 18.20 -15.37 -19.92
N GLU B 517 18.13 -15.89 -18.70
CA GLU B 517 18.59 -17.25 -18.45
C GLU B 517 17.69 -18.23 -19.21
N GLY B 518 16.41 -17.88 -19.31
CA GLY B 518 15.45 -18.53 -20.21
C GLY B 518 15.43 -20.05 -20.32
N ARG B 519 15.05 -20.72 -19.24
CA ARG B 519 15.00 -22.17 -19.25
C ARG B 519 14.20 -22.83 -20.40
N ASN B 520 12.90 -22.53 -20.49
CA ASN B 520 12.04 -22.99 -21.58
C ASN B 520 10.95 -21.99 -21.90
N GLU B 521 10.05 -22.37 -22.80
CA GLU B 521 9.10 -21.41 -23.35
C GLU B 521 7.99 -21.01 -22.38
N SER B 522 7.54 -21.95 -21.55
CA SER B 522 6.46 -21.60 -20.67
C SER B 522 7.00 -20.72 -19.52
N TYR B 523 8.22 -21.01 -19.07
CA TYR B 523 8.87 -20.20 -18.03
C TYR B 523 9.05 -18.78 -18.54
N PHE B 524 9.59 -18.67 -19.76
CA PHE B 524 9.75 -17.38 -20.39
C PHE B 524 8.44 -16.59 -20.40
N LEU B 525 7.36 -17.18 -20.91
CA LEU B 525 6.09 -16.45 -20.94
C LEU B 525 5.64 -16.06 -19.53
N ARG B 526 5.96 -16.88 -18.53
CA ARG B 526 5.61 -16.51 -17.16
C ARG B 526 6.39 -15.30 -16.66
N LYS B 527 7.69 -15.25 -16.95
CA LYS B 527 8.49 -14.10 -16.59
C LYS B 527 8.00 -12.84 -17.32
N TYR B 528 7.73 -12.98 -18.62
CA TYR B 528 7.25 -11.89 -19.46
C TYR B 528 5.93 -11.29 -18.98
N ASN B 529 4.99 -12.12 -18.59
CA ASN B 529 3.72 -11.61 -18.08
C ASN B 529 3.91 -10.94 -16.75
N HIS B 530 4.85 -11.48 -15.97
CA HIS B 530 5.16 -10.86 -14.71
C HIS B 530 5.72 -9.45 -14.90
N VAL B 531 6.68 -9.32 -15.82
CA VAL B 531 7.25 -8.03 -16.18
C VAL B 531 6.16 -7.04 -16.59
N LYS B 532 5.31 -7.43 -17.55
CA LYS B 532 4.24 -6.55 -18.00
C LYS B 532 3.38 -6.04 -16.83
N ALA B 533 3.08 -6.93 -15.89
CA ALA B 533 2.26 -6.56 -14.74
C ALA B 533 3.05 -5.62 -13.87
N LEU B 534 4.36 -5.87 -13.78
CA LEU B 534 5.22 -4.98 -13.02
C LEU B 534 5.25 -3.55 -13.61
N GLN B 535 5.40 -3.42 -14.92
CA GLN B 535 5.28 -2.07 -15.53
C GLN B 535 3.95 -1.44 -15.17
N GLN B 536 2.87 -2.21 -15.32
CA GLN B 536 1.58 -1.61 -15.11
C GLN B 536 1.54 -1.11 -13.69
N GLN B 537 2.18 -1.82 -12.77
CA GLN B 537 2.19 -1.31 -11.41
C GLN B 537 2.96 0.01 -11.26
N MET B 538 4.02 0.18 -12.05
CA MET B 538 4.84 1.40 -11.95
C MET B 538 4.08 2.57 -12.54
N PHE B 539 3.39 2.30 -13.64
CA PHE B 539 2.57 3.29 -14.29
C PHE B 539 1.49 3.74 -13.30
N TYR B 540 1.04 2.84 -12.43
CA TYR B 540 0.00 3.21 -11.48
C TYR B 540 0.53 4.12 -10.37
N ILE B 541 1.68 3.78 -9.81
CA ILE B 541 2.30 4.65 -8.81
C ILE B 541 2.61 6.00 -9.47
N ASP B 542 3.11 5.96 -10.70
CA ASP B 542 3.46 7.19 -11.43
C ASP B 542 2.27 8.08 -11.72
N GLN B 543 1.09 7.49 -11.85
CA GLN B 543 -0.12 8.24 -12.19
C GLN B 543 -0.95 8.58 -10.96
N THR B 544 -0.59 8.05 -9.80
CA THR B 544 -1.42 8.31 -8.60
C THR B 544 -0.69 8.94 -7.42
N SER B 545 0.61 8.65 -7.27
CA SER B 545 1.43 9.34 -6.28
C SER B 545 1.97 10.70 -6.77
N ASN B 546 2.24 11.57 -5.81
CA ASN B 546 2.89 12.83 -6.08
C ASN B 546 2.35 13.53 -7.32
N GLN B 547 1.03 13.68 -7.41
CA GLN B 547 0.50 14.35 -8.59
C GLN B 547 0.52 15.86 -8.46
N ASN B 548 1.69 16.47 -8.47
CA ASN B 548 1.75 17.93 -8.54
C ASN B 548 1.45 18.37 -9.98
N PRO B 549 1.22 19.69 -10.20
CA PRO B 549 0.82 20.23 -11.51
C PRO B 549 1.93 20.37 -12.54
N TYR B 550 3.17 20.08 -12.17
CA TYR B 550 4.31 20.42 -13.04
C TYR B 550 5.09 19.21 -13.54
N GLN B 551 5.56 18.32 -12.65
CA GLN B 551 6.12 17.02 -13.08
C GLN B 551 5.58 15.94 -12.12
N PRO B 552 4.36 15.44 -12.41
CA PRO B 552 3.69 14.56 -11.47
C PRO B 552 4.34 13.21 -11.61
N GLY B 553 4.24 12.38 -10.57
CA GLY B 553 4.74 11.04 -10.67
C GLY B 553 5.95 10.75 -9.83
N VAL B 554 6.53 9.57 -10.07
CA VAL B 554 7.56 9.05 -9.24
C VAL B 554 8.52 8.34 -10.19
N LYS B 555 9.68 8.92 -10.45
CA LYS B 555 10.69 8.26 -11.27
C LYS B 555 11.87 7.90 -10.37
N THR B 556 12.48 6.73 -10.59
CA THR B 556 13.59 6.27 -9.77
C THR B 556 14.63 5.50 -10.56
N ALA B 557 15.85 5.44 -10.04
CA ALA B 557 16.91 4.75 -10.80
C ALA B 557 16.78 4.95 -12.32
N THR B 558 16.63 6.19 -12.78
CA THR B 558 16.33 6.42 -14.22
C THR B 558 17.53 6.55 -15.11
N ARG B 559 18.71 6.76 -14.53
CA ARG B 559 19.86 6.99 -15.40
C ARG B 559 20.44 5.71 -16.03
N VAL B 560 20.72 4.71 -15.21
CA VAL B 560 21.34 3.49 -15.74
C VAL B 560 20.41 2.27 -15.65
N ILE B 561 19.86 2.05 -14.45
CA ILE B 561 19.12 0.84 -14.15
C ILE B 561 17.84 0.62 -14.98
N LYS B 562 16.87 1.50 -14.87
CA LYS B 562 15.69 1.37 -15.72
C LYS B 562 16.06 1.21 -17.23
N PRO B 563 16.90 2.10 -17.78
CA PRO B 563 17.08 1.85 -19.23
C PRO B 563 17.73 0.50 -19.54
N LEU B 564 18.60 0.02 -18.65
CA LEU B 564 19.19 -1.31 -18.82
C LEU B 564 18.11 -2.40 -18.72
N ILE B 565 17.15 -2.24 -17.82
CA ILE B 565 16.15 -3.23 -17.66
C ILE B 565 15.26 -3.20 -18.89
N ASP B 566 14.89 -2.00 -19.32
CA ASP B 566 13.99 -1.85 -20.46
C ASP B 566 14.63 -2.43 -21.71
N ARG B 567 15.89 -2.11 -21.90
CA ARG B 567 16.55 -2.52 -23.14
C ARG B 567 16.82 -4.01 -23.15
N THR B 568 17.27 -4.57 -22.04
CA THR B 568 17.47 -6.00 -21.93
C THR B 568 16.16 -6.73 -22.17
N PHE B 569 15.08 -6.16 -21.66
CA PHE B 569 13.77 -6.76 -21.87
C PHE B 569 13.43 -6.78 -23.36
N ALA B 570 13.44 -5.61 -24.01
CA ALA B 570 13.05 -5.56 -25.42
C ALA B 570 13.93 -6.47 -26.28
N THR B 571 15.12 -6.78 -25.79
CA THR B 571 16.04 -7.54 -26.63
C THR B 571 15.78 -9.04 -26.51
N VAL B 572 15.79 -9.54 -25.28
CA VAL B 572 15.43 -10.91 -25.03
C VAL B 572 14.09 -11.24 -25.68
N VAL B 573 13.21 -10.24 -25.82
CA VAL B 573 11.92 -10.45 -26.48
C VAL B 573 12.10 -10.53 -28.00
N LYS B 574 13.02 -9.71 -28.51
CA LYS B 574 13.39 -9.77 -29.91
C LYS B 574 13.77 -11.21 -30.28
N PHE B 575 14.69 -11.81 -29.53
CA PHE B 575 15.16 -13.15 -29.83
C PHE B 575 14.03 -14.16 -29.78
N PHE B 576 13.12 -13.98 -28.81
CA PHE B 576 12.02 -14.93 -28.62
C PHE B 576 11.05 -14.93 -29.78
N ASN B 577 10.71 -13.75 -30.30
CA ASN B 577 9.82 -13.64 -31.45
C ASN B 577 10.36 -14.26 -32.72
N GLN B 578 11.67 -14.25 -32.88
CA GLN B 578 12.30 -14.93 -34.00
C GLN B 578 12.34 -16.39 -33.64
N LYS B 579 13.05 -16.72 -32.56
CA LYS B 579 13.19 -18.11 -32.16
C LYS B 579 11.86 -18.92 -32.20
N PHE B 580 10.75 -18.32 -31.77
CA PHE B 580 9.50 -19.04 -31.74
C PHE B 580 8.51 -18.43 -32.72
N ASN B 581 9.00 -17.67 -33.67
CA ASN B 581 8.12 -16.99 -34.62
C ASN B 581 6.91 -16.40 -33.89
N ALA B 582 7.19 -15.70 -32.79
CA ALA B 582 6.12 -15.10 -32.00
C ALA B 582 6.04 -13.61 -32.25
N HIS B 583 5.06 -12.97 -31.62
CA HIS B 583 4.86 -11.54 -31.80
C HIS B 583 4.48 -10.87 -30.48
N LEU B 584 5.20 -11.22 -29.42
CA LEU B 584 5.01 -10.62 -28.12
C LEU B 584 5.32 -9.12 -28.19
N ASP B 585 4.49 -8.31 -27.56
CA ASP B 585 4.75 -6.90 -27.42
C ASP B 585 6.10 -6.68 -26.70
N ALA B 586 6.96 -5.85 -27.28
CA ALA B 586 8.32 -5.63 -26.72
C ALA B 586 8.50 -4.27 -26.03
N THR B 587 7.46 -3.44 -26.11
CA THR B 587 7.51 -2.06 -25.63
C THR B 587 7.41 -1.95 -24.11
N THR B 588 7.90 -0.81 -23.59
CA THR B 588 8.10 -0.62 -22.15
C THR B 588 7.58 0.75 -21.67
#